data_7SY9
#
_entry.id   7SY9
#
_cell.length_a   94.750
_cell.length_b   94.750
_cell.length_c   442.920
_cell.angle_alpha   90.000
_cell.angle_beta   90.000
_cell.angle_gamma   120.000
#
_symmetry.space_group_name_H-M   'P 65 2 2'
#
loop_
_entity.id
_entity.type
_entity.pdbx_description
1 polymer 'UDP-N-acetylmuramoylalanine--D-glutamate ligase'
2 non-polymer 'ACETATE ION'
3 non-polymer 'FORMIC ACID'
4 water water
#
_entity_poly.entity_id   1
_entity_poly.type   'polypeptide(L)'
_entity_poly.pdbx_seq_one_letter_code
;MAHHHHHHFRIVVGLGKSGMSLVRYLARRGLPFAVVDTRENPPELATLRAQYPQVEVRCGELDAEFLCSARELYVSPGLS
LRTPALVQAAAKGVRISGDIDLFAREAKAPIVAITGSNAKSTVTTLVGEMAVAADKRVAVGGNLGTPALDLLADDIELYV
LELSSFQLETCDRLNAEVATVLNVSEDHMDRYDGMADYHLAKHRIFRGARQVVVNRADALTRPLIADTVPCWSFGLNKPD
FKAFGLIEEDGQKWLAFQFDKLLPVGELKIRGAHNYSNALAALALGHAVGLPFDAMLGALKAFSGLAHRCQWVRERQGVS
YYDDSKATNVGAALAAIEGLGADIDGKLVLLAGGDGKGADFHDLREPVARFCRAVVLLGRDAGLIAQALGNAVPLVRVAT
LDEAVRQAAELAREGDAVLLSPACASLDMFKNFEERGRLFAKAVEELA
;
_entity_poly.pdbx_strand_id   A,B
#
loop_
_chem_comp.id
_chem_comp.type
_chem_comp.name
_chem_comp.formula
ACT non-polymer 'ACETATE ION' 'C2 H3 O2 -1'
FMT non-polymer 'FORMIC ACID' 'C H2 O2'
#
# COMPACT_ATOMS: atom_id res chain seq x y z
N HIS A 8 29.92 12.51 17.98
CA HIS A 8 29.78 13.97 17.97
C HIS A 8 28.72 14.40 18.99
N PHE A 9 28.19 15.61 18.82
CA PHE A 9 27.27 16.21 19.78
C PHE A 9 25.81 15.83 19.50
N ARG A 10 25.03 15.75 20.59
CA ARG A 10 23.64 15.31 20.56
C ARG A 10 22.79 16.26 21.39
N ILE A 11 21.48 16.30 21.09
CA ILE A 11 20.55 17.19 21.78
C ILE A 11 19.23 16.46 22.03
N VAL A 12 18.75 16.52 23.26
CA VAL A 12 17.43 16.00 23.62
C VAL A 12 16.42 17.09 23.32
N VAL A 13 15.43 16.77 22.48
CA VAL A 13 14.41 17.74 22.08
C VAL A 13 13.08 17.39 22.72
N GLY A 14 12.80 17.95 23.89
CA GLY A 14 11.52 17.68 24.55
C GLY A 14 11.79 16.97 25.86
N LEU A 15 11.25 17.55 26.94
CA LEU A 15 11.56 17.12 28.30
C LEU A 15 10.29 16.57 28.97
N GLY A 16 10.01 15.30 28.75
CA GLY A 16 8.93 14.65 29.47
C GLY A 16 9.45 13.42 30.18
N LYS A 17 8.59 12.41 30.31
CA LYS A 17 9.07 11.14 30.85
C LYS A 17 10.08 10.50 29.92
N SER A 18 9.81 10.50 28.60
CA SER A 18 10.78 9.96 27.65
C SER A 18 12.03 10.83 27.59
N GLY A 19 11.87 12.15 27.65
CA GLY A 19 13.03 13.03 27.60
C GLY A 19 13.97 12.82 28.77
N MET A 20 13.43 12.62 29.96
CA MET A 20 14.29 12.39 31.13
C MET A 20 15.02 11.07 31.03
N SER A 21 14.40 10.06 30.38
CA SER A 21 15.10 8.81 30.15
C SER A 21 16.27 9.00 29.19
N LEU A 22 16.10 9.87 28.19
CA LEU A 22 17.23 10.23 27.32
C LEU A 22 18.31 10.98 28.08
N VAL A 23 17.94 11.79 29.08
CA VAL A 23 18.94 12.46 29.90
C VAL A 23 19.74 11.43 30.70
N ARG A 24 19.05 10.47 31.33
CA ARG A 24 19.76 9.46 32.11
C ARG A 24 20.63 8.58 31.21
N TYR A 25 20.10 8.16 30.06
CA TYR A 25 20.85 7.27 29.18
C TYR A 25 22.11 7.94 28.66
N LEU A 26 21.99 9.14 28.10
CA LEU A 26 23.15 9.82 27.52
C LEU A 26 24.18 10.20 28.58
N ALA A 27 23.73 10.49 29.81
CA ALA A 27 24.66 10.82 30.87
C ALA A 27 25.44 9.60 31.33
N ARG A 28 24.75 8.47 31.53
CA ARG A 28 25.45 7.29 32.02
C ARG A 28 26.43 6.74 30.98
N ARG A 29 26.14 6.92 29.68
CA ARG A 29 27.06 6.50 28.63
C ARG A 29 28.20 7.50 28.40
N GLY A 30 28.23 8.61 29.13
CA GLY A 30 29.33 9.55 29.05
C GLY A 30 29.38 10.37 27.78
N LEU A 31 28.24 10.61 27.12
CA LEU A 31 28.18 11.30 25.84
C LEU A 31 27.77 12.76 26.01
N PRO A 32 28.43 13.68 25.33
CA PRO A 32 28.09 15.11 25.50
C PRO A 32 26.77 15.43 24.81
N PHE A 33 25.87 16.06 25.56
CA PHE A 33 24.56 16.39 25.05
C PHE A 33 24.06 17.65 25.73
N ALA A 34 22.95 18.18 25.19
CA ALA A 34 22.25 19.33 25.74
C ALA A 34 20.77 19.08 25.58
N VAL A 35 19.96 19.95 26.17
CA VAL A 35 18.51 19.74 26.24
C VAL A 35 17.79 21.04 25.89
N VAL A 36 16.74 20.92 25.08
CA VAL A 36 15.88 22.05 24.74
C VAL A 36 14.45 21.68 25.09
N ASP A 37 13.65 22.70 25.38
CA ASP A 37 12.24 22.51 25.70
C ASP A 37 11.51 23.82 25.48
N THR A 38 10.33 23.74 24.85
CA THR A 38 9.57 24.93 24.46
C THR A 38 8.90 25.64 25.64
N ARG A 39 9.02 25.12 26.85
CA ARG A 39 8.39 25.72 28.01
C ARG A 39 9.35 26.72 28.66
N GLU A 40 8.90 27.37 29.73
CA GLU A 40 9.69 28.42 30.37
C GLU A 40 10.09 28.10 31.80
N ASN A 41 9.33 27.27 32.50
CA ASN A 41 9.75 26.72 33.78
C ASN A 41 9.30 25.26 33.86
N PRO A 42 9.78 24.42 32.94
CA PRO A 42 9.31 23.04 32.90
C PRO A 42 9.55 22.35 34.23
N PRO A 43 8.72 21.37 34.57
CA PRO A 43 8.85 20.76 35.91
C PRO A 43 10.21 20.16 36.16
N GLU A 44 10.76 19.44 35.18
CA GLU A 44 12.04 18.76 35.37
C GLU A 44 13.21 19.74 35.50
N LEU A 45 12.97 21.05 35.43
CA LEU A 45 14.05 22.02 35.47
C LEU A 45 14.73 22.06 36.83
N ALA A 46 13.97 21.88 37.90
CA ALA A 46 14.55 21.91 39.24
C ALA A 46 15.40 20.68 39.49
N THR A 47 14.92 19.50 39.04
CA THR A 47 15.68 18.27 39.20
C THR A 47 16.91 18.26 38.31
N LEU A 48 16.79 18.80 37.09
CA LEU A 48 17.90 18.76 36.15
C LEU A 48 19.03 19.69 36.57
N ARG A 49 18.69 20.86 37.13
CA ARG A 49 19.72 21.77 37.59
C ARG A 49 20.47 21.23 38.79
N ALA A 50 19.87 20.29 39.53
CA ALA A 50 20.46 19.72 40.73
C ALA A 50 21.19 18.41 40.50
N GLN A 51 20.71 17.58 39.57
CA GLN A 51 21.28 16.24 39.36
C GLN A 51 22.16 16.15 38.12
N TYR A 52 22.01 17.06 37.16
CA TYR A 52 22.83 17.10 35.95
C TYR A 52 23.25 18.54 35.69
N PRO A 53 24.06 19.11 36.59
CA PRO A 53 24.37 20.55 36.48
C PRO A 53 25.26 20.92 35.30
N GLN A 54 25.92 19.94 34.67
CA GLN A 54 26.79 20.19 33.53
C GLN A 54 26.06 20.16 32.19
N VAL A 55 24.77 19.86 32.18
CA VAL A 55 23.97 19.80 30.96
C VAL A 55 23.26 21.13 30.76
N GLU A 56 23.41 21.71 29.57
CA GLU A 56 22.70 22.94 29.24
C GLU A 56 21.23 22.64 28.92
N VAL A 57 20.34 23.50 29.42
CA VAL A 57 18.90 23.34 29.26
C VAL A 57 18.39 24.66 28.67
N ARG A 58 18.11 24.66 27.37
CA ARG A 58 17.67 25.87 26.65
C ARG A 58 16.15 25.87 26.56
N CYS A 59 15.52 26.71 27.38
CA CYS A 59 14.07 26.84 27.45
C CYS A 59 13.62 27.99 26.57
N GLY A 60 12.71 27.72 25.64
CA GLY A 60 12.23 28.74 24.75
C GLY A 60 11.84 28.15 23.41
N GLU A 61 11.34 29.04 22.55
CA GLU A 61 10.95 28.64 21.20
C GLU A 61 12.16 28.06 20.47
N LEU A 62 11.97 26.90 19.83
CA LEU A 62 13.08 26.18 19.24
C LEU A 62 13.76 27.03 18.17
N ASP A 63 15.08 27.00 18.17
CA ASP A 63 15.92 27.76 17.26
C ASP A 63 16.71 26.80 16.40
N ALA A 64 16.51 26.87 15.08
CA ALA A 64 17.21 25.96 14.19
C ALA A 64 18.72 26.12 14.31
N GLU A 65 19.16 27.33 14.66
CA GLU A 65 20.58 27.60 14.86
C GLU A 65 21.16 26.71 15.95
N PHE A 66 20.51 26.71 17.11
CA PHE A 66 20.98 25.92 18.25
C PHE A 66 20.99 24.42 17.92
N LEU A 67 19.98 23.92 17.22
CA LEU A 67 19.92 22.48 16.97
C LEU A 67 20.97 22.02 15.97
N CYS A 68 21.45 22.90 15.10
CA CYS A 68 22.45 22.49 14.11
C CYS A 68 23.84 22.28 14.71
N SER A 69 24.07 22.66 15.97
CA SER A 69 25.30 22.27 16.63
C SER A 69 25.33 20.78 17.00
N ALA A 70 24.22 20.07 16.87
CA ALA A 70 24.18 18.64 17.14
C ALA A 70 24.22 17.85 15.85
N ARG A 71 24.97 16.76 15.85
CA ARG A 71 24.92 15.85 14.71
C ARG A 71 23.65 15.00 14.72
N GLU A 72 22.96 14.92 15.87
CA GLU A 72 21.80 14.04 16.04
C GLU A 72 20.87 14.62 17.11
N LEU A 73 19.56 14.51 16.86
CA LEU A 73 18.52 14.95 17.79
C LEU A 73 17.61 13.79 18.17
N TYR A 74 17.06 13.82 19.38
CA TYR A 74 16.14 12.81 19.87
C TYR A 74 14.85 13.53 20.27
N VAL A 75 13.82 13.39 19.43
CA VAL A 75 12.59 14.17 19.54
C VAL A 75 11.57 13.41 20.37
N SER A 76 10.92 14.12 21.29
CA SER A 76 9.90 13.47 22.10
C SER A 76 8.65 13.23 21.26
N PRO A 77 7.88 12.18 21.57
CA PRO A 77 6.76 11.80 20.68
C PRO A 77 5.69 12.87 20.57
N GLY A 78 5.52 13.70 21.60
CA GLY A 78 4.43 14.67 21.58
C GLY A 78 4.60 15.71 20.50
N LEU A 79 5.83 16.19 20.30
CA LEU A 79 6.08 17.30 19.41
C LEU A 79 5.89 16.90 17.96
N SER A 80 5.34 17.81 17.17
CA SER A 80 5.14 17.58 15.75
C SER A 80 6.47 17.61 14.99
N LEU A 81 6.75 16.55 14.23
CA LEU A 81 7.94 16.51 13.39
C LEU A 81 7.93 17.56 12.29
N ARG A 82 6.82 18.27 12.10
CA ARG A 82 6.74 19.37 11.15
C ARG A 82 6.98 20.72 11.81
N THR A 83 7.45 20.74 13.05
CA THR A 83 7.81 21.99 13.72
C THR A 83 8.95 22.68 12.95
N PRO A 84 8.82 23.97 12.64
CA PRO A 84 9.78 24.60 11.70
C PRO A 84 11.25 24.42 12.03
N ALA A 85 11.65 24.49 13.31
CA ALA A 85 13.06 24.34 13.63
C ALA A 85 13.56 22.93 13.31
N LEU A 86 12.71 21.93 13.53
CA LEU A 86 13.12 20.55 13.23
C LEU A 86 13.24 20.30 11.73
N VAL A 87 12.46 21.01 10.91
CA VAL A 87 12.56 20.82 9.46
C VAL A 87 13.83 21.45 8.93
N GLN A 88 14.20 22.63 9.45
CA GLN A 88 15.44 23.27 9.04
C GLN A 88 16.66 22.47 9.47
N ALA A 89 16.58 21.82 10.63
CA ALA A 89 17.74 21.08 11.13
C ALA A 89 18.03 19.85 10.28
N ALA A 90 16.98 19.13 9.87
CA ALA A 90 17.18 17.95 9.02
C ALA A 90 17.68 18.34 7.61
N ALA A 91 17.38 19.56 7.16
CA ALA A 91 17.88 19.97 5.85
C ALA A 91 19.39 20.16 5.86
N LYS A 92 19.94 20.63 6.98
CA LYS A 92 21.38 20.76 7.11
C LYS A 92 22.06 19.43 7.38
N GLY A 93 21.29 18.36 7.58
CA GLY A 93 21.84 17.03 7.78
C GLY A 93 21.71 16.44 9.16
N VAL A 94 21.03 17.11 10.09
CA VAL A 94 20.86 16.57 11.43
C VAL A 94 19.96 15.34 11.36
N ARG A 95 20.43 14.23 11.95
CA ARG A 95 19.65 13.01 12.04
C ARG A 95 18.57 13.16 13.10
N ILE A 96 17.33 12.89 12.72
CA ILE A 96 16.19 13.06 13.62
C ILE A 96 15.79 11.69 14.17
N SER A 97 15.97 11.52 15.48
CA SER A 97 15.85 10.23 16.15
C SER A 97 14.99 10.35 17.40
N GLY A 98 15.02 9.35 18.28
CA GLY A 98 14.19 9.33 19.47
C GLY A 98 14.60 8.20 20.39
N ASP A 99 13.86 8.09 21.51
CA ASP A 99 14.27 7.12 22.53
C ASP A 99 14.21 5.69 22.00
N ILE A 100 13.15 5.36 21.24
CA ILE A 100 12.98 4.00 20.74
C ILE A 100 14.11 3.64 19.78
N ASP A 101 14.58 4.61 19.00
CA ASP A 101 15.66 4.32 18.07
C ASP A 101 16.95 3.97 18.82
N LEU A 102 17.24 4.68 19.92
CA LEU A 102 18.39 4.31 20.75
C LEU A 102 18.18 2.94 21.39
N PHE A 103 17.01 2.72 21.98
CA PHE A 103 16.69 1.43 22.58
C PHE A 103 16.94 0.29 21.61
N ALA A 104 16.50 0.46 20.35
CA ALA A 104 16.64 -0.61 19.36
C ALA A 104 18.10 -0.98 19.12
N ARG A 105 19.02 -0.03 19.21
CA ARG A 105 20.43 -0.34 18.95
C ARG A 105 21.11 -0.96 20.16
N GLU A 106 20.58 -0.75 21.37
CA GLU A 106 21.22 -1.19 22.60
C GLU A 106 20.66 -2.49 23.15
N ALA A 107 19.59 -3.03 22.58
CA ALA A 107 18.98 -4.22 23.15
C ALA A 107 19.71 -5.48 22.73
N LYS A 108 19.91 -6.38 23.69
CA LYS A 108 20.58 -7.65 23.43
C LYS A 108 19.67 -8.82 23.79
N ALA A 109 18.37 -8.60 23.73
CA ALA A 109 17.36 -9.61 23.96
C ALA A 109 16.24 -9.40 22.96
N PRO A 110 15.45 -10.44 22.67
CA PRO A 110 14.34 -10.28 21.72
C PRO A 110 13.33 -9.24 22.17
N ILE A 111 12.64 -8.65 21.20
CA ILE A 111 11.66 -7.59 21.43
C ILE A 111 10.33 -8.02 20.81
N VAL A 112 9.28 -8.01 21.62
CA VAL A 112 7.90 -8.12 21.13
C VAL A 112 7.39 -6.70 20.94
N ALA A 113 6.98 -6.37 19.72
CA ALA A 113 6.65 -4.99 19.36
C ALA A 113 5.21 -4.92 18.90
N ILE A 114 4.40 -4.11 19.61
CA ILE A 114 2.97 -4.06 19.42
C ILE A 114 2.57 -2.62 19.17
N THR A 115 1.86 -2.38 18.08
CA THR A 115 1.23 -1.10 17.85
C THR A 115 -0.17 -1.36 17.35
N GLY A 116 -1.01 -0.34 17.40
CA GLY A 116 -2.39 -0.44 16.96
C GLY A 116 -3.26 0.57 17.68
N SER A 117 -4.56 0.26 17.75
CA SER A 117 -5.50 1.16 18.41
C SER A 117 -5.41 1.04 19.92
N ASN A 118 -6.43 1.55 20.63
CA ASN A 118 -6.44 1.44 22.09
C ASN A 118 -6.35 -0.02 22.55
N ALA A 119 -6.76 -0.95 21.69
CA ALA A 119 -6.71 -2.38 22.02
C ALA A 119 -5.32 -2.88 22.35
N LYS A 120 -4.28 -2.12 21.99
CA LYS A 120 -2.91 -2.58 22.23
C LYS A 120 -2.59 -2.70 23.72
N SER A 121 -3.32 -2.00 24.59
CA SER A 121 -3.06 -2.09 26.02
C SER A 121 -3.39 -3.48 26.57
N THR A 122 -4.50 -4.08 26.13
CA THR A 122 -4.84 -5.43 26.59
C THR A 122 -3.84 -6.45 26.07
N VAL A 123 -3.49 -6.38 24.78
CA VAL A 123 -2.55 -7.34 24.24
C VAL A 123 -1.17 -7.18 24.87
N THR A 124 -0.71 -5.93 25.03
CA THR A 124 0.58 -5.70 25.66
C THR A 124 0.57 -6.21 27.09
N THR A 125 -0.48 -5.89 27.84
CA THR A 125 -0.56 -6.37 29.22
C THR A 125 -0.62 -7.89 29.28
N LEU A 126 -1.37 -8.52 28.36
CA LEU A 126 -1.49 -9.97 28.36
C LEU A 126 -0.15 -10.64 28.12
N VAL A 127 0.55 -10.25 27.05
CA VAL A 127 1.84 -10.87 26.74
C VAL A 127 2.80 -10.69 27.90
N GLY A 128 2.73 -9.55 28.58
CA GLY A 128 3.58 -9.37 29.76
C GLY A 128 3.27 -10.39 30.84
N GLU A 129 1.99 -10.55 31.17
CA GLU A 129 1.61 -11.49 32.22
C GLU A 129 1.82 -12.93 31.79
N MET A 130 1.70 -13.24 30.49
CA MET A 130 2.04 -14.58 30.01
C MET A 130 3.51 -14.88 30.27
N ALA A 131 4.38 -13.98 29.83
CA ALA A 131 5.82 -14.18 30.02
C ALA A 131 6.19 -14.27 31.49
N VAL A 132 5.49 -13.53 32.36
CA VAL A 132 5.74 -13.63 33.79
C VAL A 132 5.36 -15.02 34.30
N ALA A 133 4.21 -15.53 33.82
CA ALA A 133 3.77 -16.87 34.18
C ALA A 133 4.75 -17.94 33.70
N ALA A 134 5.57 -17.64 32.68
CA ALA A 134 6.54 -18.56 32.12
C ALA A 134 7.94 -18.41 32.72
N ASP A 135 8.08 -17.64 33.80
CA ASP A 135 9.35 -17.50 34.53
C ASP A 135 10.44 -16.86 33.66
N LYS A 136 10.08 -15.86 32.88
CA LYS A 136 11.06 -15.09 32.13
C LYS A 136 11.23 -13.72 32.78
N ARG A 137 12.45 -13.20 32.73
CA ARG A 137 12.73 -11.86 33.24
C ARG A 137 12.34 -10.89 32.14
N VAL A 138 11.17 -10.27 32.28
CA VAL A 138 10.56 -9.53 31.19
C VAL A 138 10.37 -8.08 31.63
N ALA A 139 10.63 -7.17 30.70
CA ALA A 139 10.43 -5.75 30.92
C ALA A 139 9.39 -5.25 29.95
N VAL A 140 8.39 -4.54 30.45
CA VAL A 140 7.27 -4.04 29.65
C VAL A 140 7.30 -2.52 29.72
N GLY A 141 7.18 -1.88 28.57
CA GLY A 141 7.22 -0.44 28.55
C GLY A 141 6.84 0.11 27.20
N GLY A 142 7.29 1.33 26.94
CA GLY A 142 6.98 2.02 25.70
C GLY A 142 5.69 2.82 25.78
N ASN A 143 5.49 3.64 24.75
CA ASN A 143 4.32 4.51 24.66
C ASN A 143 4.04 5.20 25.97
N LEU A 144 2.83 5.05 26.49
CA LEU A 144 2.47 5.52 27.82
C LEU A 144 2.75 4.39 28.80
N GLY A 145 3.77 4.56 29.61
CA GLY A 145 4.33 3.48 30.39
C GLY A 145 5.81 3.75 30.62
N THR A 146 6.48 2.77 31.22
CA THR A 146 7.90 2.88 31.51
C THR A 146 8.67 3.23 30.23
N PRO A 147 9.49 4.27 30.22
CA PRO A 147 10.26 4.60 29.01
C PRO A 147 11.22 3.47 28.67
N ALA A 148 11.34 3.20 27.36
CA ALA A 148 12.07 2.02 26.91
C ALA A 148 13.51 2.01 27.40
N LEU A 149 14.19 3.14 27.34
CA LEU A 149 15.60 3.17 27.73
C LEU A 149 15.77 2.84 29.21
N ASP A 150 14.78 3.13 30.04
CA ASP A 150 14.86 2.77 31.46
C ASP A 150 14.80 1.26 31.67
N LEU A 151 14.25 0.51 30.72
CA LEU A 151 14.10 -0.94 30.86
C LEU A 151 15.39 -1.70 30.59
N LEU A 152 16.41 -1.05 30.03
CA LEU A 152 17.60 -1.77 29.60
C LEU A 152 18.35 -2.36 30.79
N ALA A 153 18.73 -3.62 30.66
CA ALA A 153 19.50 -4.35 31.66
C ALA A 153 19.97 -5.65 31.03
N ASP A 154 21.09 -6.17 31.54
CA ASP A 154 21.72 -7.31 30.90
C ASP A 154 21.07 -8.64 31.29
N ASP A 155 20.33 -8.66 32.39
CA ASP A 155 19.60 -9.86 32.82
C ASP A 155 18.27 -10.02 32.11
N ILE A 156 17.81 -9.01 31.38
CA ILE A 156 16.49 -9.06 30.76
C ILE A 156 16.50 -10.11 29.66
N GLU A 157 15.48 -10.98 29.65
CA GLU A 157 15.33 -12.02 28.66
C GLU A 157 14.30 -11.71 27.58
N LEU A 158 13.42 -10.73 27.79
CA LEU A 158 12.37 -10.44 26.81
C LEU A 158 11.85 -9.03 27.05
N TYR A 159 11.80 -8.23 25.99
CA TYR A 159 11.22 -6.90 26.04
C TYR A 159 9.85 -6.91 25.35
N VAL A 160 8.86 -6.34 26.00
CA VAL A 160 7.52 -6.18 25.42
C VAL A 160 7.26 -4.68 25.33
N LEU A 161 7.11 -4.19 24.10
CA LEU A 161 6.99 -2.75 23.87
C LEU A 161 5.66 -2.43 23.20
N GLU A 162 4.86 -1.61 23.85
CA GLU A 162 3.74 -0.95 23.21
C GLU A 162 4.28 0.34 22.58
N LEU A 163 4.18 0.45 21.26
CA LEU A 163 4.73 1.58 20.53
C LEU A 163 3.61 2.39 19.88
N SER A 164 3.70 3.71 20.01
CA SER A 164 2.76 4.61 19.35
C SER A 164 3.25 4.93 17.94
N SER A 165 2.32 5.47 17.14
CA SER A 165 2.71 5.89 15.79
C SER A 165 3.86 6.91 15.83
N PHE A 166 3.82 7.83 16.79
CA PHE A 166 4.86 8.86 16.88
C PHE A 166 6.21 8.25 17.21
N GLN A 167 6.25 7.30 18.15
CA GLN A 167 7.53 6.68 18.49
C GLN A 167 8.11 5.91 17.31
N LEU A 168 7.26 5.37 16.45
CA LEU A 168 7.78 4.65 15.31
C LEU A 168 8.25 5.58 14.20
N GLU A 169 7.76 6.83 14.16
CA GLU A 169 8.15 7.77 13.10
C GLU A 169 9.64 8.03 13.12
N THR A 170 10.21 8.23 14.31
CA THR A 170 11.63 8.54 14.46
C THR A 170 12.50 7.31 14.63
N CYS A 171 11.93 6.12 14.47
CA CYS A 171 12.65 4.87 14.61
C CYS A 171 13.11 4.38 13.24
N ASP A 172 14.39 4.07 13.11
CA ASP A 172 14.95 3.70 11.81
C ASP A 172 14.86 2.20 11.52
N ARG A 173 15.32 1.34 12.43
CA ARG A 173 15.20 -0.11 12.21
C ARG A 173 15.12 -0.81 13.57
N LEU A 174 13.93 -1.27 13.93
CA LEU A 174 13.71 -1.75 15.29
C LEU A 174 14.29 -3.14 15.52
N ASN A 175 14.36 -3.98 14.49
CA ASN A 175 14.83 -5.36 14.61
C ASN A 175 14.09 -6.12 15.70
N ALA A 176 12.76 -6.02 15.70
CA ALA A 176 11.95 -6.74 16.66
C ALA A 176 11.96 -8.24 16.34
N GLU A 177 11.91 -9.06 17.38
CA GLU A 177 11.83 -10.50 17.16
C GLU A 177 10.47 -10.87 16.60
N VAL A 178 9.39 -10.32 17.15
CA VAL A 178 8.06 -10.43 16.57
C VAL A 178 7.41 -9.06 16.67
N ALA A 179 6.68 -8.67 15.63
CA ALA A 179 6.06 -7.35 15.57
C ALA A 179 4.66 -7.47 15.00
N THR A 180 3.79 -6.55 15.41
CA THR A 180 2.41 -6.59 14.97
C THR A 180 1.80 -5.20 14.96
N VAL A 181 0.98 -4.96 13.95
CA VAL A 181 0.03 -3.86 13.91
C VAL A 181 -1.34 -4.51 14.12
N LEU A 182 -1.95 -4.28 15.27
CA LEU A 182 -3.09 -5.08 15.67
C LEU A 182 -4.27 -4.89 14.72
N ASN A 183 -4.53 -3.64 14.31
CA ASN A 183 -5.65 -3.33 13.44
C ASN A 183 -5.38 -2.00 12.74
N VAL A 184 -6.10 -1.77 11.64
CA VAL A 184 -5.90 -0.61 10.80
C VAL A 184 -7.25 0.09 10.59
N SER A 185 -8.16 -0.52 9.83
CA SER A 185 -9.47 0.09 9.59
C SER A 185 -10.34 0.06 10.85
N GLY A 194 -9.51 7.13 5.85
CA GLY A 194 -8.23 7.40 5.21
C GLY A 194 -7.05 7.27 6.15
N MET A 195 -6.42 8.42 6.46
CA MET A 195 -5.34 8.56 7.44
C MET A 195 -4.10 7.76 7.03
N ALA A 196 -3.50 8.21 5.93
CA ALA A 196 -2.34 7.51 5.37
C ALA A 196 -1.13 7.61 6.30
N ASP A 197 -0.85 8.80 6.84
CA ASP A 197 0.36 9.01 7.65
C ASP A 197 0.35 8.14 8.90
N TYR A 198 -0.79 8.08 9.61
CA TYR A 198 -0.90 7.25 10.80
C TYR A 198 -0.45 5.82 10.54
N HIS A 199 -0.94 5.22 9.46
CA HIS A 199 -0.65 3.81 9.24
C HIS A 199 0.73 3.58 8.64
N LEU A 200 1.27 4.52 7.87
CA LEU A 200 2.64 4.36 7.42
C LEU A 200 3.62 4.40 8.59
N ALA A 201 3.38 5.29 9.55
CA ALA A 201 4.24 5.35 10.73
C ALA A 201 4.16 4.04 11.51
N LYS A 202 2.96 3.56 11.78
CA LYS A 202 2.80 2.30 12.50
C LYS A 202 3.53 1.18 11.78
N HIS A 203 3.48 1.19 10.45
CA HIS A 203 4.07 0.13 9.64
C HIS A 203 5.57 0.03 9.83
N ARG A 204 6.21 1.10 10.30
CA ARG A 204 7.66 1.07 10.49
C ARG A 204 8.05 0.03 11.52
N ILE A 205 7.10 -0.44 12.34
CA ILE A 205 7.35 -1.43 13.38
C ILE A 205 7.86 -2.73 12.76
N PHE A 206 7.67 -2.90 11.46
CA PHE A 206 8.08 -4.09 10.75
C PHE A 206 9.49 -3.95 10.16
N ARG A 207 10.11 -2.79 10.29
CA ARG A 207 11.45 -2.61 9.73
C ARG A 207 12.42 -3.51 10.49
N GLY A 208 12.98 -4.50 9.79
CA GLY A 208 13.91 -5.41 10.40
C GLY A 208 13.29 -6.52 11.22
N ALA A 209 11.96 -6.61 11.28
CA ALA A 209 11.29 -7.61 12.09
C ALA A 209 11.60 -9.01 11.60
N ARG A 210 11.87 -9.91 12.55
CA ARG A 210 12.18 -11.30 12.23
C ARG A 210 10.96 -12.21 12.23
N GLN A 211 9.85 -11.79 12.85
CA GLN A 211 8.58 -12.50 12.79
C GLN A 211 7.45 -11.49 12.81
N VAL A 212 6.30 -11.85 12.23
CA VAL A 212 5.13 -10.97 12.26
C VAL A 212 3.91 -11.76 12.73
N VAL A 213 3.00 -11.05 13.40
CA VAL A 213 1.67 -11.57 13.75
C VAL A 213 0.66 -10.67 13.04
N VAL A 214 -0.18 -11.26 12.21
CA VAL A 214 -1.13 -10.51 11.41
C VAL A 214 -2.56 -10.87 11.82
N ASN A 215 -3.48 -9.97 11.50
CA ASN A 215 -4.89 -10.10 11.80
C ASN A 215 -5.62 -10.59 10.54
N ARG A 216 -6.21 -11.80 10.61
CA ARG A 216 -6.95 -12.30 9.45
C ARG A 216 -8.16 -11.44 9.14
N ALA A 217 -8.64 -10.65 10.10
CA ALA A 217 -9.80 -9.82 9.85
C ALA A 217 -9.47 -8.56 9.10
N ASP A 218 -8.18 -8.19 9.02
CA ASP A 218 -7.77 -6.89 8.50
C ASP A 218 -6.53 -7.07 7.63
N ALA A 219 -6.73 -7.13 6.30
CA ALA A 219 -5.63 -7.43 5.40
C ALA A 219 -4.52 -6.38 5.43
N LEU A 220 -4.84 -5.15 5.86
CA LEU A 220 -3.83 -4.10 5.88
C LEU A 220 -2.83 -4.24 7.01
N THR A 221 -3.05 -5.16 7.95
CA THR A 221 -2.05 -5.41 8.97
C THR A 221 -0.99 -6.39 8.51
N ARG A 222 -1.10 -6.90 7.28
CA ARG A 222 -0.17 -7.89 6.77
C ARG A 222 0.90 -7.16 5.96
N PRO A 223 2.15 -7.15 6.42
CA PRO A 223 3.21 -6.52 5.64
C PRO A 223 3.75 -7.46 4.59
N LEU A 224 4.39 -6.86 3.58
CA LEU A 224 4.98 -7.65 2.50
C LEU A 224 5.98 -8.68 3.01
N ILE A 225 6.66 -8.40 4.13
CA ILE A 225 7.63 -9.36 4.65
C ILE A 225 6.97 -10.63 5.18
N ALA A 226 5.65 -10.66 5.31
CA ALA A 226 4.99 -11.87 5.75
C ALA A 226 5.20 -13.03 4.81
N ASP A 227 5.66 -12.79 3.58
CA ASP A 227 5.91 -13.87 2.64
C ASP A 227 7.28 -14.51 2.84
N THR A 228 8.18 -13.90 3.61
CA THR A 228 9.53 -14.43 3.77
C THR A 228 9.94 -14.69 5.21
N VAL A 229 9.24 -14.14 6.19
CA VAL A 229 9.56 -14.39 7.60
C VAL A 229 8.39 -15.18 8.20
N PRO A 230 8.57 -15.83 9.35
CA PRO A 230 7.46 -16.59 9.93
C PRO A 230 6.26 -15.69 10.22
N CYS A 231 5.10 -16.11 9.73
CA CYS A 231 3.90 -15.28 9.81
C CYS A 231 2.81 -16.05 10.56
N TRP A 232 2.52 -15.61 11.78
CA TRP A 232 1.42 -16.13 12.57
C TRP A 232 0.23 -15.19 12.42
N SER A 233 -0.97 -15.75 12.49
CA SER A 233 -2.18 -14.96 12.36
C SER A 233 -3.11 -15.21 13.54
N PHE A 234 -4.04 -14.28 13.74
CA PHE A 234 -5.12 -14.44 14.70
C PHE A 234 -6.41 -13.95 14.05
N GLY A 235 -7.53 -14.45 14.53
CA GLY A 235 -8.83 -14.11 13.95
C GLY A 235 -9.92 -14.85 14.68
N LEU A 236 -11.16 -14.56 14.29
CA LEU A 236 -12.29 -15.16 14.98
C LEU A 236 -12.85 -16.39 14.27
N ASN A 237 -12.43 -16.67 13.05
CA ASN A 237 -12.94 -17.82 12.30
C ASN A 237 -12.09 -19.04 12.61
N LYS A 238 -12.31 -20.14 11.91
CA LYS A 238 -11.59 -21.37 12.23
C LYS A 238 -10.15 -21.24 11.75
N PRO A 239 -9.16 -21.56 12.58
CA PRO A 239 -7.77 -21.36 12.20
C PRO A 239 -7.22 -22.47 11.33
N ASP A 240 -6.19 -22.13 10.58
CA ASP A 240 -5.51 -23.07 9.71
C ASP A 240 -4.04 -23.09 10.07
N PHE A 241 -3.17 -23.39 9.10
CA PHE A 241 -1.74 -23.44 9.36
C PHE A 241 -1.26 -22.13 9.97
N LYS A 242 -0.54 -22.26 11.10
CA LYS A 242 0.10 -21.14 11.81
C LYS A 242 -0.90 -20.07 12.25
N ALA A 243 -2.11 -20.48 12.59
CA ALA A 243 -3.20 -19.54 12.88
C ALA A 243 -3.84 -19.85 14.22
N PHE A 244 -4.15 -18.78 14.95
CA PHE A 244 -4.94 -18.85 16.17
C PHE A 244 -6.35 -18.39 15.83
N GLY A 245 -7.34 -19.14 16.29
CA GLY A 245 -8.71 -18.83 15.95
C GLY A 245 -9.69 -19.41 16.96
N LEU A 246 -10.93 -19.59 16.50
CA LEU A 246 -12.01 -20.13 17.30
C LEU A 246 -12.53 -21.41 16.66
N ILE A 247 -12.56 -22.48 17.44
CA ILE A 247 -13.23 -23.72 17.03
C ILE A 247 -14.56 -23.82 17.74
N GLU A 248 -15.59 -24.23 17.02
CA GLU A 248 -16.93 -24.43 17.60
C GLU A 248 -17.29 -25.90 17.51
N GLU A 249 -17.09 -26.62 18.61
CA GLU A 249 -17.47 -28.03 18.71
C GLU A 249 -18.48 -28.20 19.83
N ASP A 250 -19.47 -29.04 19.60
CA ASP A 250 -20.64 -29.15 20.48
C ASP A 250 -21.25 -27.75 20.55
N GLY A 251 -21.75 -27.31 21.70
CA GLY A 251 -22.32 -25.98 21.78
C GLY A 251 -21.34 -24.91 22.21
N GLN A 252 -20.05 -25.23 22.25
CA GLN A 252 -19.05 -24.37 22.86
C GLN A 252 -18.07 -23.83 21.83
N LYS A 253 -17.68 -22.58 22.01
CA LYS A 253 -16.59 -21.98 21.26
C LYS A 253 -15.29 -22.19 22.02
N TRP A 254 -14.24 -22.55 21.31
CA TRP A 254 -12.93 -22.79 21.88
C TRP A 254 -11.91 -21.87 21.24
N LEU A 255 -11.05 -21.25 22.06
CA LEU A 255 -9.81 -20.71 21.53
C LEU A 255 -8.99 -21.87 20.99
N ALA A 256 -8.33 -21.66 19.86
CA ALA A 256 -7.68 -22.77 19.18
C ALA A 256 -6.40 -22.33 18.48
N PHE A 257 -5.46 -23.27 18.38
CA PHE A 257 -4.28 -23.10 17.54
C PHE A 257 -4.28 -24.23 16.51
N GLN A 258 -4.29 -23.85 15.23
CA GLN A 258 -4.36 -24.81 14.13
C GLN A 258 -5.52 -25.78 14.37
N PHE A 259 -5.27 -27.10 14.40
CA PHE A 259 -6.34 -28.07 14.62
C PHE A 259 -6.61 -28.37 16.08
N ASP A 260 -5.98 -27.66 17.00
CA ASP A 260 -6.03 -28.05 18.40
C ASP A 260 -6.87 -27.05 19.19
N LYS A 261 -7.83 -27.58 19.94
CA LYS A 261 -8.61 -26.78 20.88
C LYS A 261 -7.76 -26.53 22.11
N LEU A 262 -7.67 -25.26 22.52
CA LEU A 262 -6.82 -24.86 23.64
C LEU A 262 -7.59 -24.69 24.94
N LEU A 263 -8.74 -24.02 24.87
CA LEU A 263 -9.47 -23.58 26.05
C LEU A 263 -10.85 -23.08 25.66
N PRO A 264 -11.92 -23.55 26.32
CA PRO A 264 -13.25 -23.01 26.03
C PRO A 264 -13.36 -21.56 26.53
N VAL A 265 -13.91 -20.70 25.67
CA VAL A 265 -13.96 -19.26 26.00
C VAL A 265 -14.72 -19.02 27.29
N GLY A 266 -15.62 -19.93 27.67
CA GLY A 266 -16.33 -19.77 28.92
C GLY A 266 -15.43 -19.79 30.14
N GLU A 267 -14.24 -20.42 30.04
CA GLU A 267 -13.28 -20.37 31.14
C GLU A 267 -12.50 -19.07 31.20
N LEU A 268 -12.67 -18.17 30.22
CA LEU A 268 -12.07 -16.85 30.30
C LEU A 268 -12.90 -15.94 31.20
N LYS A 269 -12.22 -14.99 31.85
CA LYS A 269 -12.93 -13.99 32.62
C LYS A 269 -13.35 -12.81 31.75
N ILE A 270 -12.56 -12.46 30.73
CA ILE A 270 -12.94 -11.39 29.80
C ILE A 270 -13.97 -11.91 28.80
N ARG A 271 -14.75 -10.99 28.23
CA ARG A 271 -15.90 -11.36 27.40
C ARG A 271 -15.89 -10.58 26.10
N GLY A 272 -16.59 -11.13 25.11
CA GLY A 272 -16.84 -10.41 23.87
C GLY A 272 -15.81 -10.71 22.78
N ALA A 273 -16.25 -10.47 21.53
CA ALA A 273 -15.42 -10.77 20.37
C ALA A 273 -14.08 -10.02 20.38
N HIS A 274 -14.09 -8.74 20.77
CA HIS A 274 -12.84 -7.97 20.76
C HIS A 274 -11.82 -8.58 21.73
N ASN A 275 -12.29 -9.07 22.87
CA ASN A 275 -11.36 -9.67 23.84
C ASN A 275 -10.85 -11.03 23.38
N TYR A 276 -11.67 -11.79 22.65
CA TYR A 276 -11.19 -13.06 22.12
C TYR A 276 -10.08 -12.82 21.11
N SER A 277 -10.26 -11.81 20.25
CA SER A 277 -9.22 -11.45 19.30
C SER A 277 -7.97 -10.96 20.01
N ASN A 278 -8.12 -10.12 21.04
CA ASN A 278 -6.94 -9.68 21.78
C ASN A 278 -6.24 -10.84 22.46
N ALA A 279 -7.02 -11.82 22.96
CA ALA A 279 -6.41 -12.99 23.58
C ALA A 279 -5.65 -13.82 22.56
N LEU A 280 -6.21 -13.98 21.36
CA LEU A 280 -5.57 -14.79 20.33
C LEU A 280 -4.32 -14.11 19.78
N ALA A 281 -4.35 -12.77 19.63
CA ALA A 281 -3.15 -12.06 19.23
C ALA A 281 -2.06 -12.20 20.29
N ALA A 282 -2.42 -12.14 21.57
CA ALA A 282 -1.43 -12.31 22.62
C ALA A 282 -0.89 -13.73 22.64
N LEU A 283 -1.74 -14.73 22.38
CA LEU A 283 -1.24 -16.09 22.22
C LEU A 283 -0.28 -16.18 21.05
N ALA A 284 -0.61 -15.55 19.92
CA ALA A 284 0.26 -15.61 18.75
C ALA A 284 1.61 -14.96 19.05
N LEU A 285 1.58 -13.76 19.65
CA LEU A 285 2.83 -13.07 19.97
C LEU A 285 3.67 -13.87 20.96
N GLY A 286 3.03 -14.40 22.00
CA GLY A 286 3.75 -15.18 22.99
C GLY A 286 4.26 -16.49 22.42
N HIS A 287 3.51 -17.09 21.50
CA HIS A 287 3.99 -18.32 20.88
C HIS A 287 5.26 -18.07 20.07
N ALA A 288 5.28 -16.99 19.28
CA ALA A 288 6.41 -16.70 18.40
C ALA A 288 7.72 -16.57 19.18
N VAL A 289 7.66 -16.18 20.45
CA VAL A 289 8.83 -16.09 21.29
C VAL A 289 8.97 -17.30 22.21
N GLY A 290 8.27 -18.39 21.92
CA GLY A 290 8.53 -19.62 22.63
C GLY A 290 7.95 -19.73 24.01
N LEU A 291 6.90 -18.95 24.33
CA LEU A 291 6.22 -19.15 25.60
C LEU A 291 5.39 -20.43 25.54
N PRO A 292 5.44 -21.28 26.56
CA PRO A 292 4.64 -22.51 26.53
C PRO A 292 3.15 -22.23 26.62
N PHE A 293 2.36 -23.15 26.06
CA PHE A 293 0.91 -22.96 26.03
C PHE A 293 0.30 -23.07 27.41
N ASP A 294 0.82 -23.98 28.24
CA ASP A 294 0.29 -24.13 29.59
C ASP A 294 0.44 -22.84 30.40
N ALA A 295 1.63 -22.21 30.33
CA ALA A 295 1.84 -20.95 31.04
C ALA A 295 0.96 -19.83 30.48
N MET A 296 0.85 -19.74 29.15
CA MET A 296 0.05 -18.68 28.55
C MET A 296 -1.43 -18.81 28.91
N LEU A 297 -1.98 -20.04 28.86
CA LEU A 297 -3.40 -20.24 29.09
C LEU A 297 -3.78 -19.96 30.54
N GLY A 298 -2.91 -20.32 31.48
CA GLY A 298 -3.17 -19.99 32.87
C GLY A 298 -3.26 -18.49 33.09
N ALA A 299 -2.30 -17.75 32.53
CA ALA A 299 -2.34 -16.30 32.62
C ALA A 299 -3.60 -15.75 31.96
N LEU A 300 -3.99 -16.35 30.83
CA LEU A 300 -5.22 -15.94 30.15
C LEU A 300 -6.45 -16.17 31.03
N LYS A 301 -6.46 -17.25 31.82
CA LYS A 301 -7.61 -17.53 32.67
C LYS A 301 -7.68 -16.58 33.87
N ALA A 302 -6.53 -16.12 34.34
CA ALA A 302 -6.47 -15.30 35.55
C ALA A 302 -6.71 -13.82 35.26
N PHE A 303 -6.61 -13.40 34.01
CA PHE A 303 -6.71 -11.99 33.64
C PHE A 303 -8.17 -11.52 33.74
N SER A 304 -8.45 -10.63 34.68
CA SER A 304 -9.80 -10.11 34.86
C SER A 304 -10.11 -8.94 33.94
N GLY A 305 -9.12 -8.42 33.22
CA GLY A 305 -9.26 -7.25 32.39
C GLY A 305 -8.48 -6.08 32.97
N LEU A 306 -8.50 -4.97 32.22
CA LEU A 306 -7.88 -3.74 32.70
C LEU A 306 -8.77 -3.10 33.76
N ALA A 307 -8.15 -2.37 34.68
CA ALA A 307 -8.89 -1.71 35.74
C ALA A 307 -10.05 -0.90 35.16
N HIS A 308 -11.27 -1.30 35.53
CA HIS A 308 -12.52 -0.60 35.23
C HIS A 308 -12.89 -0.58 33.76
N ARG A 309 -12.27 -1.42 32.91
CA ARG A 309 -12.68 -1.56 31.51
C ARG A 309 -13.35 -2.91 31.36
N CYS A 310 -14.66 -2.94 31.62
CA CYS A 310 -15.48 -4.17 31.67
C CYS A 310 -14.76 -5.28 32.43
N GLN A 311 -14.35 -4.98 33.66
CA GLN A 311 -13.47 -5.85 34.43
C GLN A 311 -14.30 -6.83 35.26
N TRP A 312 -14.04 -8.12 35.09
CA TRP A 312 -14.71 -9.16 35.86
C TRP A 312 -14.42 -9.02 37.35
N VAL A 313 -15.46 -9.09 38.18
CA VAL A 313 -15.35 -8.93 39.61
C VAL A 313 -15.59 -10.24 40.34
N ARG A 314 -16.70 -10.91 40.05
CA ARG A 314 -17.14 -12.08 40.79
C ARG A 314 -18.21 -12.82 39.99
N GLU A 315 -18.33 -14.13 40.25
CA GLU A 315 -19.49 -14.87 39.80
C GLU A 315 -20.25 -15.34 41.03
N ARG A 316 -21.54 -15.04 41.08
CA ARG A 316 -22.39 -15.40 42.21
C ARG A 316 -23.69 -15.99 41.69
N GLN A 317 -23.94 -17.26 41.99
CA GLN A 317 -25.16 -17.96 41.59
C GLN A 317 -25.38 -17.87 40.08
N GLY A 318 -24.32 -18.15 39.32
CA GLY A 318 -24.41 -18.12 37.88
C GLY A 318 -24.59 -16.74 37.27
N VAL A 319 -24.36 -15.69 38.05
CA VAL A 319 -24.41 -14.31 37.56
C VAL A 319 -23.02 -13.71 37.72
N SER A 320 -22.50 -13.13 36.63
CA SER A 320 -21.20 -12.46 36.63
C SER A 320 -21.36 -10.96 36.70
N TYR A 321 -20.42 -10.30 37.40
CA TYR A 321 -20.45 -8.88 37.68
C TYR A 321 -19.24 -8.23 37.01
N TYR A 322 -19.46 -7.13 36.30
CA TYR A 322 -18.45 -6.51 35.46
C TYR A 322 -18.34 -5.03 35.79
N ASP A 323 -17.12 -4.58 36.12
CA ASP A 323 -16.83 -3.19 36.45
C ASP A 323 -16.38 -2.46 35.18
N ASP A 324 -17.25 -1.61 34.64
CA ASP A 324 -16.89 -0.80 33.49
C ASP A 324 -17.06 0.68 33.84
N SER A 325 -16.51 1.08 34.99
CA SER A 325 -16.71 2.43 35.49
C SER A 325 -15.99 3.48 34.65
N LYS A 326 -15.00 3.08 33.85
CA LYS A 326 -14.32 4.02 32.97
C LYS A 326 -15.27 4.55 31.90
N ALA A 327 -16.38 3.88 31.65
CA ALA A 327 -17.36 4.34 30.66
C ALA A 327 -18.10 5.56 31.22
N THR A 328 -17.51 6.74 31.07
CA THR A 328 -18.15 7.94 31.58
C THR A 328 -18.94 8.67 30.50
N ASN A 329 -19.13 8.05 29.34
CA ASN A 329 -19.88 8.67 28.25
C ASN A 329 -20.71 7.61 27.54
N VAL A 330 -21.68 8.09 26.76
CA VAL A 330 -22.64 7.21 26.08
C VAL A 330 -21.93 6.23 25.16
N GLY A 331 -20.92 6.71 24.43
CA GLY A 331 -20.23 5.85 23.48
C GLY A 331 -19.54 4.67 24.15
N ALA A 332 -18.88 4.90 25.28
CA ALA A 332 -18.19 3.81 25.97
C ALA A 332 -19.18 2.81 26.52
N ALA A 333 -20.34 3.27 27.01
CA ALA A 333 -21.31 2.35 27.58
C ALA A 333 -22.02 1.55 26.49
N LEU A 334 -22.35 2.17 25.36
CA LEU A 334 -22.94 1.43 24.25
C LEU A 334 -22.03 0.30 23.79
N ALA A 335 -20.72 0.55 23.76
CA ALA A 335 -19.77 -0.49 23.34
C ALA A 335 -19.82 -1.69 24.28
N ALA A 336 -19.89 -1.43 25.60
CA ALA A 336 -19.93 -2.53 26.55
C ALA A 336 -21.30 -3.23 26.57
N ILE A 337 -22.38 -2.46 26.39
CA ILE A 337 -23.72 -3.07 26.31
C ILE A 337 -23.80 -4.00 25.12
N GLU A 338 -23.35 -3.55 23.95
CA GLU A 338 -23.37 -4.41 22.77
C GLU A 338 -22.32 -5.49 22.86
N GLY A 339 -21.14 -5.17 23.41
CA GLY A 339 -20.08 -6.15 23.46
C GLY A 339 -20.43 -7.30 24.38
N LEU A 340 -20.80 -6.99 25.62
CA LEU A 340 -21.15 -8.04 26.57
C LEU A 340 -22.50 -8.66 26.25
N GLY A 341 -23.45 -7.86 25.76
CA GLY A 341 -24.79 -8.37 25.50
C GLY A 341 -24.84 -9.44 24.43
N ALA A 342 -24.09 -9.25 23.34
CA ALA A 342 -24.07 -10.21 22.25
C ALA A 342 -23.35 -11.49 22.63
N ASP A 343 -22.49 -11.44 23.64
CA ASP A 343 -21.63 -12.55 24.01
C ASP A 343 -22.29 -13.54 24.98
N ILE A 344 -23.09 -13.05 25.92
CA ILE A 344 -23.65 -13.88 27.00
C ILE A 344 -24.86 -14.69 26.57
N ASP A 345 -25.22 -15.67 27.41
CA ASP A 345 -26.40 -16.49 27.17
C ASP A 345 -27.67 -15.82 27.71
N GLY A 346 -27.57 -15.15 28.86
CA GLY A 346 -28.71 -14.48 29.45
C GLY A 346 -28.91 -13.06 28.94
N LYS A 347 -29.25 -12.15 29.84
CA LYS A 347 -29.47 -10.76 29.52
C LYS A 347 -28.74 -9.89 30.54
N LEU A 348 -28.75 -8.58 30.30
CA LEU A 348 -27.97 -7.65 31.11
C LEU A 348 -28.82 -7.00 32.18
N VAL A 349 -28.22 -6.80 33.34
CA VAL A 349 -28.74 -5.85 34.32
C VAL A 349 -27.72 -4.74 34.42
N LEU A 350 -28.07 -3.57 33.91
CA LEU A 350 -27.15 -2.45 33.78
C LEU A 350 -27.31 -1.50 34.95
N LEU A 351 -26.18 -1.03 35.47
CA LEU A 351 -26.14 0.05 36.46
C LEU A 351 -25.56 1.27 35.77
N ALA A 352 -26.30 2.37 35.77
CA ALA A 352 -25.89 3.59 35.07
C ALA A 352 -26.39 4.80 35.85
N GLY A 353 -25.84 5.97 35.51
CA GLY A 353 -26.17 7.21 36.18
C GLY A 353 -24.94 7.93 36.71
N GLY A 354 -25.16 9.17 37.13
CA GLY A 354 -24.09 10.08 37.50
C GLY A 354 -24.19 11.43 36.80
N ASP A 355 -23.06 12.08 36.55
CA ASP A 355 -23.01 13.33 35.80
C ASP A 355 -22.99 13.04 34.30
N GLY A 356 -24.07 13.38 33.59
CA GLY A 356 -24.18 13.07 32.18
C GLY A 356 -23.53 14.06 31.23
N LYS A 357 -23.06 15.20 31.74
CA LYS A 357 -22.40 16.22 30.93
C LYS A 357 -23.30 16.73 29.82
N GLY A 358 -24.61 16.62 29.99
CA GLY A 358 -25.54 17.08 28.97
C GLY A 358 -25.59 16.19 27.76
N ALA A 359 -25.10 14.95 27.87
CA ALA A 359 -25.06 14.05 26.74
C ALA A 359 -26.48 13.70 26.26
N ASP A 360 -26.56 13.32 25.00
CA ASP A 360 -27.81 12.84 24.40
C ASP A 360 -27.89 11.34 24.67
N PHE A 361 -28.73 10.94 25.63
CA PHE A 361 -28.82 9.54 26.04
C PHE A 361 -29.68 8.70 25.11
N HIS A 362 -30.30 9.30 24.09
CA HIS A 362 -31.19 8.56 23.19
C HIS A 362 -30.50 7.34 22.58
N ASP A 363 -29.19 7.43 22.37
CA ASP A 363 -28.45 6.35 21.73
C ASP A 363 -28.41 5.08 22.55
N LEU A 364 -28.91 5.10 23.79
CA LEU A 364 -28.92 3.94 24.66
C LEU A 364 -30.23 3.17 24.66
N ARG A 365 -31.31 3.75 24.16
CA ARG A 365 -32.63 3.13 24.27
C ARG A 365 -32.67 1.78 23.57
N GLU A 366 -32.32 1.73 22.28
CA GLU A 366 -32.45 0.47 21.55
C GLU A 366 -31.55 -0.63 22.08
N PRO A 367 -30.23 -0.42 22.30
CA PRO A 367 -29.43 -1.51 22.89
C PRO A 367 -29.93 -1.99 24.25
N VAL A 368 -30.46 -1.08 25.07
CA VAL A 368 -31.01 -1.49 26.37
C VAL A 368 -32.25 -2.36 26.17
N ALA A 369 -33.11 -2.01 25.22
CA ALA A 369 -34.27 -2.84 24.95
C ALA A 369 -33.86 -4.20 24.39
N ARG A 370 -32.74 -4.27 23.67
CA ARG A 370 -32.35 -5.53 23.06
C ARG A 370 -31.57 -6.43 24.02
N PHE A 371 -30.79 -5.85 24.95
CA PHE A 371 -29.91 -6.64 25.79
C PHE A 371 -30.21 -6.62 27.30
N CYS A 372 -31.02 -5.70 27.79
CA CYS A 372 -31.22 -5.57 29.23
C CYS A 372 -32.50 -6.22 29.73
N ARG A 373 -32.39 -6.97 30.83
CA ARG A 373 -33.57 -7.39 31.57
C ARG A 373 -34.09 -6.26 32.46
N ALA A 374 -33.20 -5.44 33.00
CA ALA A 374 -33.62 -4.27 33.78
C ALA A 374 -32.45 -3.31 33.86
N VAL A 375 -32.77 -2.07 34.19
CA VAL A 375 -31.75 -1.02 34.36
C VAL A 375 -31.89 -0.45 35.76
N VAL A 376 -30.76 -0.34 36.47
CA VAL A 376 -30.69 0.27 37.79
C VAL A 376 -30.00 1.61 37.64
N LEU A 377 -30.63 2.67 38.15
CA LEU A 377 -30.16 4.04 37.96
C LEU A 377 -29.85 4.69 39.30
N LEU A 378 -28.72 5.39 39.34
CA LEU A 378 -28.29 6.17 40.50
C LEU A 378 -27.70 7.49 40.00
N GLY A 379 -27.23 8.32 40.92
CA GLY A 379 -26.57 9.56 40.57
C GLY A 379 -27.52 10.69 40.17
N ARG A 380 -26.91 11.85 39.91
CA ARG A 380 -27.66 13.09 39.68
C ARG A 380 -28.58 13.00 38.47
N ASP A 381 -28.04 12.55 37.33
CA ASP A 381 -28.80 12.51 36.09
C ASP A 381 -29.59 11.21 35.91
N ALA A 382 -29.87 10.49 37.00
CA ALA A 382 -30.63 9.24 36.89
C ALA A 382 -32.03 9.48 36.33
N GLY A 383 -32.70 10.55 36.76
CA GLY A 383 -34.00 10.88 36.19
C GLY A 383 -33.92 11.18 34.71
N LEU A 384 -32.82 11.80 34.27
CA LEU A 384 -32.66 12.14 32.86
C LEU A 384 -32.48 10.90 31.99
N ILE A 385 -31.65 9.95 32.43
CA ILE A 385 -31.47 8.72 31.68
C ILE A 385 -32.79 7.95 31.60
N ALA A 386 -33.55 7.95 32.71
CA ALA A 386 -34.83 7.25 32.73
C ALA A 386 -35.75 7.75 31.62
N GLN A 387 -35.90 9.08 31.50
CA GLN A 387 -36.80 9.63 30.48
C GLN A 387 -36.32 9.30 29.07
N ALA A 388 -35.01 9.13 28.88
CA ALA A 388 -34.49 8.77 27.57
C ALA A 388 -34.70 7.30 27.25
N LEU A 389 -34.69 6.42 28.25
CA LEU A 389 -34.93 5.00 28.01
C LEU A 389 -36.40 4.68 27.78
N GLY A 390 -37.30 5.53 28.24
CA GLY A 390 -38.71 5.27 28.08
C GLY A 390 -39.25 4.38 29.19
N ASN A 391 -40.48 3.91 28.99
CA ASN A 391 -41.23 3.16 29.98
C ASN A 391 -41.49 1.73 29.53
N ALA A 392 -40.56 1.16 28.77
CA ALA A 392 -40.72 -0.17 28.22
C ALA A 392 -39.61 -1.13 28.61
N VAL A 393 -38.69 -0.70 29.45
CA VAL A 393 -37.70 -1.58 30.08
C VAL A 393 -37.89 -1.44 31.58
N PRO A 394 -37.84 -2.53 32.36
CA PRO A 394 -37.96 -2.39 33.81
C PRO A 394 -36.85 -1.50 34.37
N LEU A 395 -37.25 -0.46 35.09
CA LEU A 395 -36.34 0.52 35.68
C LEU A 395 -36.53 0.58 37.18
N VAL A 396 -35.44 0.82 37.89
CA VAL A 396 -35.49 1.14 39.31
C VAL A 396 -34.42 2.20 39.58
N ARG A 397 -34.76 3.16 40.42
CA ARG A 397 -33.89 4.27 40.79
C ARG A 397 -33.47 4.07 42.24
N VAL A 398 -32.18 4.08 42.51
CA VAL A 398 -31.69 3.92 43.87
C VAL A 398 -30.87 5.14 44.28
N ALA A 399 -30.48 5.16 45.55
CA ALA A 399 -29.77 6.29 46.13
C ALA A 399 -28.29 6.04 46.38
N THR A 400 -27.90 4.78 46.59
CA THR A 400 -26.53 4.44 46.90
C THR A 400 -26.05 3.33 45.97
N LEU A 401 -24.73 3.15 45.94
CA LEU A 401 -24.18 2.10 45.09
C LEU A 401 -24.49 0.72 45.65
N ASP A 402 -24.48 0.55 46.98
CA ASP A 402 -24.81 -0.74 47.57
C ASP A 402 -26.26 -1.13 47.30
N GLU A 403 -27.16 -0.15 47.36
CA GLU A 403 -28.55 -0.41 46.98
C GLU A 403 -28.64 -0.87 45.54
N ALA A 404 -27.87 -0.24 44.65
CA ALA A 404 -27.90 -0.61 43.24
C ALA A 404 -27.39 -2.03 43.03
N VAL A 405 -26.31 -2.41 43.72
CA VAL A 405 -25.73 -3.74 43.56
C VAL A 405 -26.69 -4.81 44.06
N ARG A 406 -27.25 -4.63 45.25
CA ARG A 406 -28.19 -5.63 45.76
C ARG A 406 -29.46 -5.64 44.91
N GLN A 407 -29.89 -4.48 44.43
CA GLN A 407 -31.09 -4.42 43.61
C GLN A 407 -30.88 -5.15 42.29
N ALA A 408 -29.68 -5.05 41.71
CA ALA A 408 -29.37 -5.80 40.50
C ALA A 408 -29.36 -7.29 40.77
N ALA A 409 -28.81 -7.71 41.91
CA ALA A 409 -28.74 -9.13 42.24
C ALA A 409 -30.14 -9.72 42.46
N GLU A 410 -31.10 -8.89 42.91
CA GLU A 410 -32.49 -9.31 43.01
C GLU A 410 -33.17 -9.42 41.64
N LEU A 411 -32.58 -8.82 40.61
CA LEU A 411 -33.14 -8.87 39.27
C LEU A 411 -32.44 -9.85 38.36
N ALA A 412 -31.14 -10.07 38.56
CA ALA A 412 -30.38 -10.96 37.69
C ALA A 412 -30.77 -12.42 37.92
N ARG A 413 -31.10 -13.12 36.84
CA ARG A 413 -31.31 -14.56 36.87
C ARG A 413 -30.06 -15.26 36.34
N GLU A 414 -29.97 -16.56 36.58
CA GLU A 414 -28.79 -17.32 36.21
C GLU A 414 -28.45 -17.12 34.73
N GLY A 415 -27.16 -16.94 34.44
CA GLY A 415 -26.70 -16.68 33.09
C GLY A 415 -26.71 -15.22 32.67
N ASP A 416 -27.22 -14.32 33.51
CA ASP A 416 -27.23 -12.90 33.21
C ASP A 416 -25.88 -12.28 33.57
N ALA A 417 -25.77 -10.98 33.32
CA ALA A 417 -24.57 -10.21 33.64
C ALA A 417 -24.99 -8.88 34.24
N VAL A 418 -24.36 -8.53 35.34
CA VAL A 418 -24.56 -7.24 35.99
C VAL A 418 -23.42 -6.32 35.57
N LEU A 419 -23.77 -5.23 34.87
CA LEU A 419 -22.79 -4.39 34.19
C LEU A 419 -22.89 -2.97 34.72
N LEU A 420 -21.84 -2.51 35.41
CA LEU A 420 -21.70 -1.09 35.74
C LEU A 420 -20.98 -0.42 34.58
N SER A 421 -21.74 0.19 33.70
CA SER A 421 -21.22 0.95 32.57
C SER A 421 -21.97 2.28 32.58
N PRO A 422 -21.60 3.20 33.48
CA PRO A 422 -22.52 4.27 33.88
C PRO A 422 -22.84 5.28 32.80
N ALA A 423 -22.01 5.40 31.76
CA ALA A 423 -22.17 6.41 30.71
C ALA A 423 -22.11 7.83 31.25
N CYS A 424 -21.64 8.01 32.49
CA CYS A 424 -21.59 9.31 33.13
C CYS A 424 -20.32 9.41 33.96
N ALA A 425 -19.90 10.63 34.23
CA ALA A 425 -18.82 10.83 35.17
C ALA A 425 -19.31 10.54 36.59
N SER A 426 -18.35 10.30 37.49
CA SER A 426 -18.66 9.90 38.86
C SER A 426 -18.54 11.04 39.88
N LEU A 427 -18.17 12.24 39.45
CA LEU A 427 -17.77 13.28 40.39
C LEU A 427 -18.94 13.88 41.17
N ASP A 428 -20.17 13.50 40.87
CA ASP A 428 -21.29 13.96 41.69
C ASP A 428 -21.36 13.22 43.02
N MET A 429 -20.85 11.99 43.08
CA MET A 429 -20.88 11.18 44.29
C MET A 429 -19.55 10.54 44.68
N PHE A 430 -18.55 10.51 43.81
CA PHE A 430 -17.28 9.84 44.08
C PHE A 430 -16.11 10.78 43.80
N LYS A 431 -14.91 10.30 44.14
CA LYS A 431 -13.69 11.06 43.89
C LYS A 431 -13.32 11.01 42.40
N ASN A 432 -13.15 9.81 41.86
CA ASN A 432 -12.97 9.61 40.43
C ASN A 432 -13.70 8.32 40.04
N PHE A 433 -13.72 8.01 38.73
CA PHE A 433 -14.37 6.77 38.29
C PHE A 433 -13.70 5.53 38.87
N GLU A 434 -12.44 5.64 39.28
CA GLU A 434 -11.72 4.48 39.78
C GLU A 434 -12.19 4.11 41.18
N GLU A 435 -12.49 5.11 42.01
CA GLU A 435 -13.11 4.82 43.30
C GLU A 435 -14.53 4.28 43.11
N ARG A 436 -15.24 4.77 42.08
CA ARG A 436 -16.58 4.26 41.82
C ARG A 436 -16.55 2.79 41.46
N GLY A 437 -15.61 2.39 40.61
CA GLY A 437 -15.48 0.98 40.29
C GLY A 437 -14.98 0.17 41.46
N ARG A 438 -14.08 0.73 42.26
CA ARG A 438 -13.54 0.03 43.41
C ARG A 438 -14.61 -0.26 44.44
N LEU A 439 -15.51 0.72 44.66
CA LEU A 439 -16.61 0.51 45.60
C LEU A 439 -17.70 -0.38 45.02
N PHE A 440 -17.86 -0.37 43.68
CA PHE A 440 -18.78 -1.33 43.05
C PHE A 440 -18.31 -2.76 43.27
N ALA A 441 -17.01 -3.01 43.11
CA ALA A 441 -16.48 -4.34 43.37
C ALA A 441 -16.68 -4.74 44.83
N LYS A 442 -16.53 -3.79 45.75
CA LYS A 442 -16.69 -4.08 47.17
C LYS A 442 -18.11 -4.51 47.50
N ALA A 443 -19.11 -3.78 47.00
CA ALA A 443 -20.50 -4.16 47.24
C ALA A 443 -20.80 -5.53 46.65
N VAL A 444 -20.21 -5.84 45.50
CA VAL A 444 -20.40 -7.14 44.88
C VAL A 444 -19.76 -8.24 45.73
N GLU A 445 -18.53 -8.01 46.19
CA GLU A 445 -17.85 -9.05 46.95
C GLU A 445 -18.50 -9.29 48.30
N GLU A 446 -19.46 -8.47 48.70
CA GLU A 446 -20.10 -8.57 50.00
C GLU A 446 -21.50 -9.18 49.94
N LEU A 447 -21.99 -9.52 48.74
CA LEU A 447 -23.27 -10.21 48.64
C LEU A 447 -23.16 -11.58 49.32
N ALA A 448 -24.27 -12.00 49.94
CA ALA A 448 -24.30 -13.25 50.68
C ALA A 448 -24.00 -14.46 49.80
N HIS B 8 -25.95 -18.51 -40.21
CA HIS B 8 -25.48 -17.20 -39.76
C HIS B 8 -24.31 -16.71 -40.60
N PHE B 9 -24.59 -15.83 -41.56
CA PHE B 9 -23.59 -15.34 -42.50
C PHE B 9 -22.86 -14.11 -41.94
N ARG B 10 -21.58 -13.99 -42.29
CA ARG B 10 -20.73 -12.93 -41.80
C ARG B 10 -19.94 -12.33 -42.97
N ILE B 11 -19.50 -11.08 -42.81
CA ILE B 11 -18.77 -10.37 -43.87
C ILE B 11 -17.67 -9.52 -43.24
N VAL B 12 -16.44 -9.71 -43.72
CA VAL B 12 -15.27 -8.93 -43.30
C VAL B 12 -15.15 -7.66 -44.13
N VAL B 13 -15.04 -6.52 -43.46
CA VAL B 13 -14.90 -5.22 -44.13
C VAL B 13 -13.51 -4.65 -43.89
N GLY B 14 -12.57 -4.91 -44.80
CA GLY B 14 -11.23 -4.35 -44.72
C GLY B 14 -10.12 -5.39 -44.58
N LEU B 15 -9.13 -5.34 -45.47
CA LEU B 15 -8.10 -6.37 -45.57
C LEU B 15 -6.74 -5.75 -45.22
N GLY B 16 -6.44 -5.68 -43.92
CA GLY B 16 -5.13 -5.29 -43.44
C GLY B 16 -4.57 -6.35 -42.53
N LYS B 17 -3.78 -5.94 -41.52
CA LYS B 17 -3.35 -6.91 -40.52
C LYS B 17 -4.53 -7.42 -39.72
N SER B 18 -5.45 -6.52 -39.32
CA SER B 18 -6.63 -6.95 -38.59
C SER B 18 -7.55 -7.79 -39.45
N GLY B 19 -7.73 -7.40 -40.72
CA GLY B 19 -8.60 -8.15 -41.61
C GLY B 19 -8.12 -9.57 -41.86
N MET B 20 -6.80 -9.74 -42.00
CA MET B 20 -6.26 -11.07 -42.30
C MET B 20 -6.48 -12.04 -41.13
N SER B 21 -6.40 -11.55 -39.89
CA SER B 21 -6.72 -12.40 -38.75
C SER B 21 -8.20 -12.74 -38.70
N LEU B 22 -9.05 -11.80 -39.12
CA LEU B 22 -10.49 -12.09 -39.23
C LEU B 22 -10.74 -13.17 -40.27
N VAL B 23 -9.92 -13.21 -41.33
CA VAL B 23 -10.04 -14.26 -42.33
C VAL B 23 -9.66 -15.62 -41.75
N ARG B 24 -8.53 -15.68 -41.04
CA ARG B 24 -8.03 -16.95 -40.54
C ARG B 24 -8.98 -17.59 -39.53
N TYR B 25 -9.52 -16.79 -38.60
CA TYR B 25 -10.35 -17.36 -37.55
C TYR B 25 -11.64 -17.96 -38.11
N LEU B 26 -12.32 -17.22 -39.00
CA LEU B 26 -13.60 -17.67 -39.52
C LEU B 26 -13.49 -18.96 -40.34
N ALA B 27 -12.34 -19.19 -40.99
CA ALA B 27 -12.17 -20.41 -41.77
C ALA B 27 -12.05 -21.64 -40.89
N ARG B 28 -11.25 -21.55 -39.81
CA ARG B 28 -11.05 -22.70 -38.94
C ARG B 28 -12.33 -23.12 -38.22
N ARG B 29 -13.23 -22.16 -37.92
CA ARG B 29 -14.49 -22.49 -37.26
C ARG B 29 -15.56 -23.01 -38.21
N GLY B 30 -15.28 -23.03 -39.52
CA GLY B 30 -16.22 -23.63 -40.46
C GLY B 30 -17.50 -22.87 -40.69
N LEU B 31 -17.48 -21.54 -40.54
CA LEU B 31 -18.54 -20.53 -40.60
C LEU B 31 -18.53 -19.79 -41.94
N PRO B 32 -19.70 -19.54 -42.51
CA PRO B 32 -19.75 -18.88 -43.83
C PRO B 32 -19.44 -17.38 -43.73
N PHE B 33 -18.53 -16.93 -44.59
CA PHE B 33 -18.09 -15.53 -44.55
C PHE B 33 -17.73 -15.05 -45.95
N ALA B 34 -17.53 -13.74 -46.07
CA ALA B 34 -17.09 -13.10 -47.31
C ALA B 34 -16.20 -11.91 -46.95
N VAL B 35 -15.58 -11.30 -47.98
CA VAL B 35 -14.62 -10.23 -47.80
C VAL B 35 -14.85 -9.12 -48.83
N VAL B 36 -14.82 -7.87 -48.37
CA VAL B 36 -14.91 -6.68 -49.22
C VAL B 36 -13.78 -5.70 -48.91
N ASP B 37 -13.42 -4.88 -49.90
CA ASP B 37 -12.41 -3.84 -49.73
C ASP B 37 -12.53 -2.83 -50.87
N THR B 38 -12.35 -1.55 -50.54
CA THR B 38 -12.47 -0.49 -51.55
C THR B 38 -11.27 -0.47 -52.48
N PRO B 42 -5.47 -4.31 -54.53
CA PRO B 42 -5.26 -4.41 -53.09
C PRO B 42 -4.15 -5.40 -52.73
N PRO B 43 -3.43 -5.15 -51.63
CA PRO B 43 -2.26 -5.98 -51.32
C PRO B 43 -2.57 -7.44 -51.03
N GLU B 44 -3.53 -7.71 -50.13
CA GLU B 44 -3.84 -9.06 -49.65
C GLU B 44 -4.53 -9.93 -50.69
N LEU B 45 -4.75 -9.45 -51.91
CA LEU B 45 -5.52 -10.22 -52.88
C LEU B 45 -4.81 -11.49 -53.32
N ALA B 46 -3.48 -11.47 -53.42
CA ALA B 46 -2.75 -12.63 -53.92
C ALA B 46 -2.76 -13.78 -52.92
N THR B 47 -2.63 -13.48 -51.62
CA THR B 47 -2.63 -14.52 -50.60
C THR B 47 -4.00 -15.17 -50.46
N LEU B 48 -5.07 -14.40 -50.60
CA LEU B 48 -6.42 -14.93 -50.44
C LEU B 48 -6.81 -15.86 -51.58
N ARG B 49 -6.35 -15.56 -52.81
CA ARG B 49 -6.65 -16.41 -53.95
C ARG B 49 -5.97 -17.77 -53.88
N ALA B 50 -4.87 -17.89 -53.13
CA ALA B 50 -4.11 -19.14 -53.04
C ALA B 50 -4.44 -19.96 -51.81
N GLN B 51 -4.75 -19.31 -50.67
CA GLN B 51 -4.97 -20.03 -49.41
C GLN B 51 -6.43 -20.11 -48.99
N TYR B 52 -7.31 -19.24 -49.49
CA TYR B 52 -8.73 -19.29 -49.14
C TYR B 52 -9.60 -19.05 -50.37
N PRO B 53 -9.54 -19.94 -51.37
CA PRO B 53 -10.34 -19.71 -52.60
C PRO B 53 -11.82 -19.98 -52.42
N GLN B 54 -12.24 -20.71 -51.38
CA GLN B 54 -13.65 -21.00 -51.18
C GLN B 54 -14.33 -19.90 -50.39
N VAL B 57 -14.48 -12.42 -52.65
CA VAL B 57 -13.83 -11.13 -52.51
C VAL B 57 -14.28 -10.19 -53.63
N ARG B 58 -14.81 -9.03 -53.24
CA ARG B 58 -15.34 -8.04 -54.20
C ARG B 58 -14.72 -6.68 -53.88
N CYS B 59 -13.76 -6.26 -54.69
CA CYS B 59 -13.06 -5.00 -54.48
C CYS B 59 -13.76 -3.89 -55.26
N GLY B 60 -14.13 -2.84 -54.56
CA GLY B 60 -14.88 -1.75 -55.16
C GLY B 60 -15.75 -1.08 -54.11
N GLU B 61 -16.47 -0.06 -54.55
CA GLU B 61 -17.39 0.66 -53.66
C GLU B 61 -18.42 -0.30 -53.06
N LEU B 62 -18.59 -0.22 -51.74
CA LEU B 62 -19.44 -1.15 -51.01
C LEU B 62 -20.90 -1.03 -51.45
N ASP B 63 -21.58 -2.17 -51.56
CA ASP B 63 -22.99 -2.24 -51.95
C ASP B 63 -23.79 -2.78 -50.77
N ALA B 64 -24.73 -1.97 -50.27
CA ALA B 64 -25.54 -2.37 -49.13
C ALA B 64 -26.34 -3.65 -49.41
N GLU B 65 -26.64 -3.92 -50.68
CA GLU B 65 -27.36 -5.15 -51.03
C GLU B 65 -26.60 -6.39 -50.58
N PHE B 66 -25.29 -6.44 -50.89
CA PHE B 66 -24.48 -7.57 -50.46
C PHE B 66 -24.49 -7.70 -48.94
N LEU B 67 -24.55 -6.57 -48.23
CA LEU B 67 -24.49 -6.58 -46.77
C LEU B 67 -25.72 -7.22 -46.13
N CYS B 68 -26.81 -7.36 -46.89
CA CYS B 68 -28.04 -7.97 -46.34
C CYS B 68 -27.81 -9.44 -46.03
N ARG B 71 -25.67 -11.90 -40.71
CA ARG B 71 -26.22 -11.49 -39.43
C ARG B 71 -25.24 -10.61 -38.64
N GLU B 72 -23.96 -10.63 -39.05
CA GLU B 72 -22.90 -9.94 -38.33
C GLU B 72 -21.82 -9.49 -39.31
N LEU B 73 -21.28 -8.29 -39.09
CA LEU B 73 -20.21 -7.71 -39.89
C LEU B 73 -19.01 -7.40 -38.99
N TYR B 74 -17.81 -7.52 -39.54
CA TYR B 74 -16.58 -7.30 -38.79
C TYR B 74 -15.72 -6.24 -39.50
N VAL B 75 -15.69 -5.04 -38.93
CA VAL B 75 -15.10 -3.86 -39.57
C VAL B 75 -13.67 -3.67 -39.08
N SER B 76 -12.76 -3.37 -40.01
CA SER B 76 -11.37 -3.06 -39.68
C SER B 76 -11.30 -1.65 -39.07
N PRO B 77 -10.25 -1.37 -38.28
CA PRO B 77 -10.25 -0.13 -37.47
C PRO B 77 -10.34 1.16 -38.28
N GLY B 78 -9.93 1.16 -39.55
CA GLY B 78 -9.88 2.40 -40.30
C GLY B 78 -11.23 3.03 -40.58
N LEU B 79 -12.21 2.21 -40.97
CA LEU B 79 -13.45 2.72 -41.54
C LEU B 79 -14.33 3.44 -40.52
N SER B 80 -14.96 4.52 -40.97
CA SER B 80 -15.92 5.26 -40.15
C SER B 80 -17.23 4.50 -40.05
N LEU B 81 -17.71 4.31 -38.81
CA LEU B 81 -18.98 3.61 -38.59
C LEU B 81 -20.19 4.35 -39.16
N ARG B 82 -20.04 5.61 -39.60
CA ARG B 82 -21.14 6.37 -40.16
C ARG B 82 -21.20 6.32 -41.70
N THR B 83 -20.43 5.43 -42.31
CA THR B 83 -20.51 5.25 -43.76
C THR B 83 -21.93 4.86 -44.15
N PRO B 84 -22.53 5.50 -45.15
CA PRO B 84 -23.97 5.30 -45.42
C PRO B 84 -24.39 3.84 -45.54
N ALA B 85 -23.56 2.99 -46.16
CA ALA B 85 -23.92 1.59 -46.30
C ALA B 85 -24.00 0.87 -44.96
N LEU B 86 -23.13 1.25 -44.01
CA LEU B 86 -23.14 0.61 -42.69
C LEU B 86 -24.39 0.96 -41.90
N VAL B 87 -25.02 2.09 -42.18
CA VAL B 87 -26.22 2.50 -41.45
C VAL B 87 -27.40 1.61 -41.84
N GLN B 88 -27.49 1.23 -43.12
CA GLN B 88 -28.58 0.36 -43.55
C GLN B 88 -28.46 -1.04 -42.94
N ALA B 89 -27.22 -1.52 -42.76
CA ALA B 89 -27.02 -2.85 -42.20
C ALA B 89 -27.41 -2.90 -40.73
N ALA B 90 -27.05 -1.87 -39.96
CA ALA B 90 -27.45 -1.81 -38.56
C ALA B 90 -28.97 -1.64 -38.41
N ALA B 91 -29.62 -1.04 -39.42
CA ALA B 91 -31.06 -0.87 -39.35
C ALA B 91 -31.80 -2.19 -39.48
N LYS B 92 -31.27 -3.13 -40.27
CA LYS B 92 -31.93 -4.42 -40.44
C LYS B 92 -31.71 -5.36 -39.26
N GLY B 93 -30.86 -5.00 -38.30
CA GLY B 93 -30.63 -5.83 -37.14
C GLY B 93 -29.30 -6.55 -37.15
N VAL B 94 -28.48 -6.31 -38.17
CA VAL B 94 -27.16 -6.93 -38.24
C VAL B 94 -26.27 -6.34 -37.17
N ARG B 95 -25.61 -7.21 -36.40
CA ARG B 95 -24.67 -6.75 -35.39
C ARG B 95 -23.39 -6.26 -36.07
N ILE B 96 -22.99 -5.04 -35.75
CA ILE B 96 -21.81 -4.42 -36.35
C ILE B 96 -20.64 -4.64 -35.39
N SER B 97 -19.68 -5.45 -35.83
CA SER B 97 -18.65 -5.94 -34.93
C SER B 97 -17.26 -5.81 -35.53
N GLY B 98 -16.29 -6.49 -34.93
CA GLY B 98 -14.90 -6.43 -35.35
C GLY B 98 -14.13 -7.52 -34.63
N ASP B 99 -12.83 -7.56 -34.89
CA ASP B 99 -12.03 -8.67 -34.37
C ASP B 99 -12.03 -8.68 -32.84
N ILE B 100 -11.91 -7.51 -32.21
CA ILE B 100 -11.85 -7.45 -30.74
C ILE B 100 -13.18 -7.90 -30.14
N ASP B 101 -14.29 -7.56 -30.80
CA ASP B 101 -15.59 -8.00 -30.30
C ASP B 101 -15.76 -9.51 -30.42
N LEU B 102 -15.29 -10.11 -31.53
CA LEU B 102 -15.32 -11.56 -31.64
C LEU B 102 -14.43 -12.20 -30.59
N PHE B 103 -13.20 -11.69 -30.46
CA PHE B 103 -12.27 -12.20 -29.46
C PHE B 103 -12.90 -12.20 -28.07
N ALA B 104 -13.59 -11.12 -27.71
CA ALA B 104 -14.16 -11.00 -26.38
C ALA B 104 -15.16 -12.11 -26.09
N ARG B 105 -15.88 -12.58 -27.12
CA ARG B 105 -16.89 -13.61 -26.97
C ARG B 105 -16.30 -15.01 -26.94
N GLU B 106 -15.13 -15.21 -27.54
CA GLU B 106 -14.55 -16.53 -27.71
C GLU B 106 -13.48 -16.86 -26.68
N ALA B 107 -13.10 -15.90 -25.84
CA ALA B 107 -12.02 -16.12 -24.89
C ALA B 107 -12.56 -16.81 -23.64
N LYS B 108 -11.80 -17.80 -23.16
CA LYS B 108 -12.16 -18.57 -21.97
C LYS B 108 -11.07 -18.46 -20.90
N ALA B 109 -10.35 -17.36 -20.88
CA ALA B 109 -9.34 -17.04 -19.89
C ALA B 109 -9.46 -15.57 -19.54
N PRO B 110 -8.95 -15.15 -18.39
CA PRO B 110 -8.98 -13.73 -18.05
C PRO B 110 -8.22 -12.88 -19.06
N ILE B 111 -8.64 -11.63 -19.19
CA ILE B 111 -8.12 -10.68 -20.17
C ILE B 111 -7.64 -9.44 -19.44
N VAL B 112 -6.39 -9.05 -19.66
CA VAL B 112 -5.88 -7.74 -19.26
C VAL B 112 -6.02 -6.79 -20.44
N ALA B 113 -6.76 -5.69 -20.25
CA ALA B 113 -7.09 -4.77 -21.33
C ALA B 113 -6.50 -3.39 -21.01
N ILE B 114 -5.61 -2.91 -21.89
CA ILE B 114 -4.83 -1.70 -21.66
C ILE B 114 -4.99 -0.76 -22.85
N THR B 115 -5.38 0.49 -22.57
CA THR B 115 -5.41 1.53 -23.59
C THR B 115 -4.84 2.82 -23.01
N GLY B 116 -4.53 3.77 -23.89
CA GLY B 116 -3.96 5.05 -23.50
C GLY B 116 -3.10 5.61 -24.62
N SER B 117 -2.10 6.41 -24.24
CA SER B 117 -1.13 6.97 -25.18
C SER B 117 -0.07 5.93 -25.55
N ASN B 118 1.06 6.39 -26.09
CA ASN B 118 2.15 5.49 -26.46
C ASN B 118 2.64 4.64 -25.29
N ALA B 119 2.43 5.11 -24.05
CA ALA B 119 2.91 4.37 -22.88
C ALA B 119 2.28 2.98 -22.74
N LYS B 120 1.18 2.70 -23.44
CA LYS B 120 0.55 1.38 -23.26
C LYS B 120 1.42 0.26 -23.82
N SER B 121 2.33 0.58 -24.75
CA SER B 121 3.21 -0.45 -25.30
C SER B 121 4.18 -0.95 -24.23
N THR B 122 4.70 -0.04 -23.41
CA THR B 122 5.61 -0.46 -22.35
C THR B 122 4.86 -1.29 -21.30
N VAL B 123 3.67 -0.83 -20.90
CA VAL B 123 2.91 -1.54 -19.88
C VAL B 123 2.46 -2.90 -20.38
N THR B 124 1.98 -2.98 -21.62
CA THR B 124 1.56 -4.27 -22.17
C THR B 124 2.73 -5.24 -22.23
N THR B 125 3.87 -4.79 -22.75
CA THR B 125 5.05 -5.66 -22.83
C THR B 125 5.51 -6.09 -21.43
N LEU B 126 5.46 -5.18 -20.46
CA LEU B 126 5.87 -5.52 -19.10
C LEU B 126 4.96 -6.60 -18.51
N VAL B 127 3.65 -6.36 -18.56
CA VAL B 127 2.70 -7.32 -17.99
C VAL B 127 2.89 -8.70 -18.61
N GLY B 128 3.19 -8.74 -19.91
CA GLY B 128 3.47 -10.01 -20.55
C GLY B 128 4.72 -10.68 -19.99
N GLU B 129 5.82 -9.92 -19.90
CA GLU B 129 7.06 -10.51 -19.42
C GLU B 129 6.96 -10.89 -17.95
N MET B 130 6.12 -10.19 -17.19
CA MET B 130 5.81 -10.57 -15.81
C MET B 130 5.13 -11.93 -15.77
N ALA B 131 4.07 -12.11 -16.57
CA ALA B 131 3.30 -13.35 -16.57
C ALA B 131 4.16 -14.54 -16.96
N VAL B 132 5.14 -14.33 -17.84
CA VAL B 132 6.07 -15.40 -18.18
C VAL B 132 6.93 -15.76 -16.98
N ALA B 133 7.43 -14.74 -16.27
CA ALA B 133 8.24 -14.97 -15.08
C ALA B 133 7.46 -15.70 -13.99
N ALA B 134 6.13 -15.61 -14.00
CA ALA B 134 5.28 -16.24 -13.01
C ALA B 134 4.79 -17.61 -13.46
N ASP B 135 5.34 -18.15 -14.55
CA ASP B 135 5.06 -19.51 -15.02
C ASP B 135 3.61 -19.69 -15.44
N LYS B 136 3.03 -18.67 -16.06
CA LYS B 136 1.71 -18.76 -16.68
C LYS B 136 1.82 -18.79 -18.20
N ARG B 137 0.89 -19.48 -18.83
CA ARG B 137 0.81 -19.51 -20.29
C ARG B 137 0.04 -18.28 -20.75
N VAL B 138 0.76 -17.28 -21.27
CA VAL B 138 0.21 -15.95 -21.53
C VAL B 138 0.31 -15.62 -23.01
N ALA B 139 -0.72 -14.96 -23.54
CA ALA B 139 -0.74 -14.49 -24.92
C ALA B 139 -0.92 -12.98 -24.94
N VAL B 140 -0.07 -12.29 -25.72
CA VAL B 140 -0.05 -10.85 -25.81
C VAL B 140 -0.34 -10.43 -27.24
N GLY B 141 -1.19 -9.43 -27.42
CA GLY B 141 -1.50 -8.97 -28.76
C GLY B 141 -2.33 -7.71 -28.78
N GLY B 142 -2.97 -7.48 -29.92
CA GLY B 142 -3.79 -6.31 -30.13
C GLY B 142 -3.02 -5.13 -30.70
N ASN B 143 -3.79 -4.11 -31.10
CA ASN B 143 -3.29 -2.86 -31.72
C ASN B 143 -2.25 -3.19 -32.80
N LEU B 144 -1.06 -2.60 -32.75
CA LEU B 144 0.04 -2.94 -33.64
C LEU B 144 0.84 -4.08 -33.00
N GLY B 145 0.72 -5.27 -33.55
CA GLY B 145 1.19 -6.47 -32.90
C GLY B 145 0.30 -7.62 -33.31
N THR B 146 0.53 -8.77 -32.69
CA THR B 146 -0.23 -9.96 -33.01
C THR B 146 -1.73 -9.66 -32.95
N PRO B 147 -2.48 -9.89 -34.03
CA PRO B 147 -3.92 -9.64 -33.97
C PRO B 147 -4.59 -10.57 -32.97
N ALA B 148 -5.59 -10.03 -32.26
CA ALA B 148 -6.17 -10.75 -31.14
C ALA B 148 -6.72 -12.11 -31.56
N LEU B 149 -7.39 -12.17 -32.72
CA LEU B 149 -8.00 -13.44 -33.14
C LEU B 149 -6.96 -14.53 -33.35
N ASP B 150 -5.73 -14.16 -33.71
CA ASP B 150 -4.67 -15.16 -33.86
C ASP B 150 -4.27 -15.78 -32.53
N LEU B 151 -4.49 -15.07 -31.42
CA LEU B 151 -4.06 -15.54 -30.10
C LEU B 151 -4.98 -16.58 -29.48
N LEU B 152 -6.13 -16.84 -30.09
CA LEU B 152 -7.10 -17.73 -29.46
C LEU B 152 -6.57 -19.16 -29.41
N ALA B 153 -6.61 -19.76 -28.22
CA ALA B 153 -6.14 -21.12 -27.99
C ALA B 153 -6.57 -21.55 -26.60
N ASP B 154 -6.70 -22.87 -26.43
CA ASP B 154 -7.23 -23.43 -25.19
C ASP B 154 -6.19 -23.57 -24.08
N ASP B 155 -4.91 -23.55 -24.41
CA ASP B 155 -3.86 -23.67 -23.40
C ASP B 155 -3.55 -22.35 -22.69
N ILE B 156 -4.04 -21.22 -23.19
CA ILE B 156 -3.70 -19.93 -22.63
C ILE B 156 -4.36 -19.74 -21.28
N GLU B 157 -3.59 -19.27 -20.29
CA GLU B 157 -4.12 -18.99 -18.96
C GLU B 157 -4.40 -17.51 -18.73
N LEU B 158 -3.92 -16.63 -19.63
CA LEU B 158 -4.08 -15.19 -19.45
C LEU B 158 -3.86 -14.50 -20.78
N TYR B 159 -4.79 -13.63 -21.17
CA TYR B 159 -4.67 -12.79 -22.37
C TYR B 159 -4.33 -11.36 -21.98
N VAL B 160 -3.36 -10.77 -22.66
CA VAL B 160 -2.98 -9.37 -22.48
C VAL B 160 -3.17 -8.65 -23.81
N LEU B 161 -4.04 -7.65 -23.82
CA LEU B 161 -4.43 -6.97 -25.06
C LEU B 161 -4.05 -5.50 -24.98
N GLU B 162 -3.24 -5.05 -25.94
CA GLU B 162 -3.05 -3.62 -26.20
C GLU B 162 -4.14 -3.19 -27.16
N LEU B 163 -5.01 -2.29 -26.70
CA LEU B 163 -6.19 -1.90 -27.48
C LEU B 163 -6.13 -0.42 -27.83
N SER B 164 -6.38 -0.11 -29.10
CA SER B 164 -6.54 1.27 -29.53
C SER B 164 -7.99 1.68 -29.37
N SER B 165 -8.23 2.99 -29.41
CA SER B 165 -9.60 3.49 -29.37
C SER B 165 -10.43 2.94 -30.52
N PHE B 166 -9.81 2.78 -31.70
CA PHE B 166 -10.53 2.28 -32.88
C PHE B 166 -11.01 0.84 -32.67
N GLN B 167 -10.17 -0.02 -32.08
CA GLN B 167 -10.56 -1.40 -31.85
C GLN B 167 -11.71 -1.49 -30.85
N LEU B 168 -11.79 -0.55 -29.90
CA LEU B 168 -12.84 -0.58 -28.91
C LEU B 168 -14.18 -0.10 -29.45
N GLU B 169 -14.19 0.64 -30.57
CA GLU B 169 -15.43 1.20 -31.08
C GLU B 169 -16.46 0.12 -31.40
N THR B 170 -16.03 -0.97 -32.04
CA THR B 170 -16.95 -2.03 -32.45
C THR B 170 -17.09 -3.11 -31.38
N CYS B 171 -16.53 -2.91 -30.20
CA CYS B 171 -16.55 -3.91 -29.14
C CYS B 171 -17.74 -3.66 -28.23
N ASP B 172 -18.59 -4.68 -28.06
CA ASP B 172 -19.84 -4.52 -27.34
C ASP B 172 -19.70 -4.73 -25.83
N ARG B 173 -19.05 -5.83 -25.43
CA ARG B 173 -18.85 -6.15 -24.02
C ARG B 173 -17.53 -6.87 -23.89
N LEU B 174 -16.53 -6.20 -23.33
CA LEU B 174 -15.19 -6.78 -23.29
C LEU B 174 -15.04 -7.81 -22.18
N ASN B 175 -15.75 -7.63 -21.06
CA ASN B 175 -15.69 -8.52 -19.90
C ASN B 175 -14.26 -8.83 -19.48
N ALA B 176 -13.42 -7.80 -19.41
CA ALA B 176 -12.04 -7.98 -18.99
C ALA B 176 -11.95 -8.27 -17.49
N GLU B 177 -10.95 -9.07 -17.11
CA GLU B 177 -10.72 -9.32 -15.69
C GLU B 177 -10.20 -8.06 -14.99
N VAL B 178 -9.25 -7.36 -15.61
CA VAL B 178 -8.81 -6.04 -15.18
C VAL B 178 -8.62 -5.17 -16.42
N ALA B 179 -9.01 -3.90 -16.32
CA ALA B 179 -8.95 -2.98 -17.45
C ALA B 179 -8.44 -1.62 -16.98
N THR B 180 -7.80 -0.89 -17.89
CA THR B 180 -7.20 0.38 -17.54
C THR B 180 -7.15 1.30 -18.76
N VAL B 181 -7.39 2.59 -18.52
CA VAL B 181 -7.06 3.67 -19.44
C VAL B 181 -5.87 4.41 -18.85
N LEU B 182 -4.70 4.26 -19.45
CA LEU B 182 -3.47 4.71 -18.78
C LEU B 182 -3.41 6.23 -18.64
N ASN B 183 -3.79 6.97 -19.67
CA ASN B 183 -3.78 8.43 -19.56
C ASN B 183 -4.73 8.99 -20.60
N VAL B 184 -5.27 10.17 -20.30
CA VAL B 184 -6.30 10.76 -21.14
C VAL B 184 -5.97 12.22 -21.45
N GLY B 194 -13.54 14.96 -31.23
CA GLY B 194 -12.23 15.26 -30.67
C GLY B 194 -12.00 14.61 -29.32
N MET B 195 -11.94 15.43 -28.27
CA MET B 195 -11.86 14.89 -26.91
C MET B 195 -13.03 13.95 -26.63
N ALA B 196 -14.20 14.25 -27.20
CA ALA B 196 -15.39 13.44 -26.96
C ALA B 196 -15.27 12.06 -27.60
N ASP B 197 -14.88 12.02 -28.88
CA ASP B 197 -14.89 10.77 -29.62
C ASP B 197 -13.88 9.76 -29.08
N TYR B 198 -12.62 10.19 -28.91
CA TYR B 198 -11.59 9.28 -28.42
C TYR B 198 -11.97 8.72 -27.05
N HIS B 199 -12.42 9.58 -26.14
CA HIS B 199 -12.64 9.20 -24.74
C HIS B 199 -13.85 8.30 -24.55
N LEU B 200 -14.75 8.22 -25.54
CA LEU B 200 -15.82 7.22 -25.49
C LEU B 200 -15.24 5.82 -25.39
N ALA B 201 -14.03 5.61 -25.93
CA ALA B 201 -13.34 4.33 -25.79
C ALA B 201 -13.17 3.96 -24.32
N LYS B 202 -12.92 4.94 -23.46
CA LYS B 202 -12.78 4.68 -22.04
C LYS B 202 -13.99 3.93 -21.49
N HIS B 203 -15.20 4.34 -21.89
CA HIS B 203 -16.37 3.62 -21.40
C HIS B 203 -16.48 2.23 -22.02
N ARG B 204 -15.93 2.03 -23.22
CA ARG B 204 -16.05 0.73 -23.86
C ARG B 204 -15.14 -0.31 -23.21
N ILE B 205 -13.93 0.10 -22.81
CA ILE B 205 -12.98 -0.85 -22.22
C ILE B 205 -13.40 -1.33 -20.84
N PHE B 206 -14.27 -0.58 -20.16
CA PHE B 206 -14.69 -0.97 -18.82
C PHE B 206 -15.99 -1.76 -18.80
N ARG B 207 -16.64 -1.95 -19.94
CA ARG B 207 -17.93 -2.65 -19.94
C ARG B 207 -17.76 -4.09 -19.48
N GLY B 208 -18.33 -4.41 -18.33
CA GLY B 208 -18.22 -5.74 -17.77
C GLY B 208 -16.92 -6.03 -17.06
N ALA B 209 -16.02 -5.05 -16.97
CA ALA B 209 -14.73 -5.29 -16.32
C ALA B 209 -14.92 -5.61 -14.83
N ARG B 210 -14.24 -6.65 -14.37
CA ARG B 210 -14.37 -7.10 -13.00
C ARG B 210 -13.36 -6.44 -12.06
N GLN B 211 -12.30 -5.83 -12.61
CA GLN B 211 -11.35 -5.04 -11.83
C GLN B 211 -10.89 -3.89 -12.72
N VAL B 212 -10.47 -2.79 -12.09
CA VAL B 212 -9.97 -1.64 -12.84
C VAL B 212 -8.64 -1.16 -12.24
N VAL B 213 -7.78 -0.62 -13.09
CA VAL B 213 -6.55 0.05 -12.66
C VAL B 213 -6.64 1.50 -13.12
N VAL B 214 -6.57 2.43 -12.17
CA VAL B 214 -6.74 3.84 -12.49
C VAL B 214 -5.47 4.62 -12.18
N ASN B 215 -5.33 5.75 -12.86
CA ASN B 215 -4.19 6.64 -12.70
C ASN B 215 -4.59 7.76 -11.74
N ARG B 216 -3.92 7.84 -10.58
CA ARG B 216 -4.20 8.90 -9.63
C ARG B 216 -3.88 10.30 -10.17
N ALA B 217 -3.08 10.40 -11.23
CA ALA B 217 -2.69 11.70 -11.76
C ALA B 217 -3.74 12.37 -12.63
N ASP B 218 -4.69 11.60 -13.16
CA ASP B 218 -5.68 12.12 -14.11
C ASP B 218 -7.03 11.51 -13.77
N ALA B 219 -7.91 12.31 -13.16
CA ALA B 219 -9.21 11.80 -12.72
C ALA B 219 -10.04 11.26 -13.89
N LEU B 220 -9.72 11.65 -15.12
CA LEU B 220 -10.47 11.21 -16.30
C LEU B 220 -10.21 9.74 -16.64
N THR B 221 -9.22 9.09 -16.00
CA THR B 221 -9.00 7.67 -16.17
C THR B 221 -9.82 6.82 -15.19
N ARG B 222 -10.60 7.44 -14.31
CA ARG B 222 -11.41 6.74 -13.32
C ARG B 222 -12.83 6.54 -13.83
N PRO B 223 -13.27 5.31 -14.07
CA PRO B 223 -14.67 5.09 -14.46
C PRO B 223 -15.60 5.06 -13.26
N LEU B 224 -16.88 5.29 -13.53
CA LEU B 224 -17.87 5.24 -12.45
C LEU B 224 -17.91 3.86 -11.78
N ILE B 225 -17.65 2.80 -12.54
CA ILE B 225 -17.71 1.44 -11.99
C ILE B 225 -16.58 1.13 -11.02
N ALA B 226 -15.57 2.00 -10.92
CA ALA B 226 -14.47 1.78 -9.97
C ALA B 226 -14.92 1.81 -8.51
N ASP B 227 -16.12 2.32 -8.24
CA ASP B 227 -16.68 2.38 -6.90
C ASP B 227 -17.37 1.09 -6.48
N THR B 228 -17.56 0.14 -7.41
CA THR B 228 -18.28 -1.09 -7.11
C THR B 228 -17.48 -2.36 -7.38
N VAL B 229 -16.40 -2.30 -8.14
CA VAL B 229 -15.51 -3.44 -8.39
C VAL B 229 -14.16 -3.12 -7.76
N PRO B 230 -13.28 -4.11 -7.56
CA PRO B 230 -11.96 -3.81 -6.97
C PRO B 230 -11.18 -2.81 -7.83
N CYS B 231 -10.66 -1.77 -7.18
CA CYS B 231 -10.01 -0.66 -7.86
C CYS B 231 -8.60 -0.46 -7.30
N TRP B 232 -7.60 -0.74 -8.13
CA TRP B 232 -6.20 -0.46 -7.83
C TRP B 232 -5.76 0.82 -8.53
N SER B 233 -4.87 1.57 -7.91
CA SER B 233 -4.40 2.81 -8.52
C SER B 233 -2.88 2.81 -8.60
N PHE B 234 -2.35 3.66 -9.49
CA PHE B 234 -0.91 3.89 -9.59
C PHE B 234 -0.65 5.37 -9.74
N GLY B 235 0.56 5.77 -9.33
CA GLY B 235 0.93 7.18 -9.38
C GLY B 235 2.31 7.36 -8.82
N LEU B 236 2.80 8.59 -8.90
CA LEU B 236 4.16 8.87 -8.48
C LEU B 236 4.25 9.39 -7.06
N ASN B 237 3.13 9.69 -6.42
CA ASN B 237 3.16 10.18 -5.04
C ASN B 237 3.10 8.98 -4.09
N LYS B 238 2.87 9.24 -2.81
CA LYS B 238 2.95 8.19 -1.80
C LYS B 238 1.76 7.24 -1.93
N PRO B 239 1.97 5.93 -1.76
CA PRO B 239 0.89 4.96 -1.94
C PRO B 239 0.00 4.87 -0.71
N ASP B 240 -1.23 4.42 -0.94
CA ASP B 240 -2.21 4.25 0.11
C ASP B 240 -2.78 2.84 0.03
N PHE B 241 -3.99 2.66 0.58
CA PHE B 241 -4.73 1.40 0.46
C PHE B 241 -4.96 1.08 -1.00
N LYS B 242 -4.59 -0.14 -1.41
CA LYS B 242 -4.82 -0.63 -2.77
C LYS B 242 -4.12 0.23 -3.81
N ALA B 243 -3.00 0.86 -3.46
CA ALA B 243 -2.36 1.84 -4.33
C ALA B 243 -0.87 1.54 -4.48
N PHE B 244 -0.37 1.71 -5.70
CA PHE B 244 1.06 1.64 -5.99
C PHE B 244 1.60 3.06 -6.16
N GLY B 245 2.76 3.32 -5.57
CA GLY B 245 3.32 4.67 -5.61
C GLY B 245 4.84 4.69 -5.45
N LEU B 246 5.37 5.82 -4.98
CA LEU B 246 6.80 5.99 -4.74
C LEU B 246 7.01 6.36 -3.29
N ILE B 247 7.88 5.64 -2.60
CA ILE B 247 8.34 6.01 -1.27
C ILE B 247 9.72 6.64 -1.40
N GLU B 248 9.93 7.73 -0.69
CA GLU B 248 11.22 8.43 -0.69
C GLU B 248 11.80 8.34 0.71
N GLU B 249 12.71 7.38 0.90
CA GLU B 249 13.42 7.19 2.16
C GLU B 249 14.92 7.31 1.92
N ASP B 250 15.61 7.96 2.86
CA ASP B 250 17.02 8.33 2.71
C ASP B 250 17.12 9.15 1.42
N GLY B 251 18.16 8.97 0.61
CA GLY B 251 18.23 9.69 -0.63
C GLY B 251 17.64 8.99 -1.83
N GLN B 252 16.94 7.86 -1.63
CA GLN B 252 16.50 7.01 -2.72
C GLN B 252 14.99 6.99 -2.84
N LYS B 253 14.50 6.93 -4.09
CA LYS B 253 13.10 6.68 -4.36
C LYS B 253 12.86 5.19 -4.58
N TRP B 254 11.78 4.66 -4.01
CA TRP B 254 11.42 3.25 -4.12
C TRP B 254 10.04 3.11 -4.74
N LEU B 255 9.90 2.14 -5.65
CA LEU B 255 8.56 1.66 -6.00
C LEU B 255 7.92 0.99 -4.78
N ALA B 256 6.64 1.23 -4.59
CA ALA B 256 5.99 0.78 -3.37
C ALA B 256 4.56 0.34 -3.66
N PHE B 257 4.09 -0.63 -2.87
CA PHE B 257 2.69 -1.04 -2.83
C PHE B 257 2.19 -0.88 -1.41
N GLN B 258 1.11 -0.09 -1.26
CA GLN B 258 0.55 0.23 0.04
C GLN B 258 1.61 0.77 0.99
N PHE B 259 1.84 0.11 2.11
CA PHE B 259 2.77 0.64 3.10
C PHE B 259 4.21 0.13 2.94
N ASP B 260 4.49 -0.65 1.88
CA ASP B 260 5.71 -1.42 1.76
C ASP B 260 6.54 -1.00 0.55
N LYS B 261 7.86 -0.86 0.76
CA LYS B 261 8.77 -0.63 -0.35
C LYS B 261 8.97 -1.93 -1.13
N LEU B 262 8.91 -1.84 -2.46
CA LEU B 262 9.09 -3.00 -3.32
C LEU B 262 10.50 -3.09 -3.88
N LEU B 263 11.03 -1.99 -4.40
CA LEU B 263 12.25 -2.03 -5.19
C LEU B 263 12.75 -0.60 -5.43
N PRO B 264 14.01 -0.29 -5.13
CA PRO B 264 14.52 1.06 -5.42
C PRO B 264 14.60 1.28 -6.92
N VAL B 265 14.14 2.45 -7.38
CA VAL B 265 14.05 2.66 -8.82
C VAL B 265 15.42 2.53 -9.49
N GLY B 266 16.51 2.76 -8.75
CA GLY B 266 17.83 2.56 -9.30
C GLY B 266 18.12 1.14 -9.73
N GLU B 267 17.42 0.18 -9.11
CA GLU B 267 17.58 -1.21 -9.51
C GLU B 267 16.81 -1.55 -10.80
N LEU B 268 16.02 -0.62 -11.32
CA LEU B 268 15.38 -0.74 -12.63
C LEU B 268 16.39 -0.38 -13.72
N LYS B 269 16.20 -0.98 -14.90
CA LYS B 269 16.98 -0.60 -16.07
C LYS B 269 16.36 0.56 -16.84
N ILE B 270 15.02 0.69 -16.84
CA ILE B 270 14.39 1.84 -17.48
C ILE B 270 14.46 3.04 -16.55
N ARG B 271 14.37 4.24 -17.14
CA ARG B 271 14.65 5.46 -16.41
C ARG B 271 13.55 6.48 -16.63
N GLY B 272 13.49 7.44 -15.73
CA GLY B 272 12.61 8.59 -15.92
C GLY B 272 11.26 8.40 -15.26
N ALA B 273 10.64 9.53 -14.93
CA ALA B 273 9.38 9.48 -14.20
C ALA B 273 8.30 8.71 -14.97
N HIS B 274 8.25 8.88 -16.29
CA HIS B 274 7.20 8.22 -17.08
C HIS B 274 7.34 6.71 -17.02
N ASN B 275 8.57 6.20 -16.98
CA ASN B 275 8.77 4.76 -16.91
C ASN B 275 8.45 4.21 -15.53
N TYR B 276 8.66 5.01 -14.48
CA TYR B 276 8.27 4.57 -13.14
C TYR B 276 6.75 4.43 -13.07
N SER B 277 6.03 5.37 -13.68
CA SER B 277 4.58 5.27 -13.76
C SER B 277 4.17 4.02 -14.53
N ASN B 278 4.86 3.74 -15.64
CA ASN B 278 4.57 2.55 -16.42
C ASN B 278 4.85 1.29 -15.63
N ALA B 279 5.92 1.30 -14.83
CA ALA B 279 6.24 0.13 -14.02
C ALA B 279 5.17 -0.11 -12.96
N LEU B 280 4.67 0.95 -12.33
CA LEU B 280 3.67 0.78 -11.29
C LEU B 280 2.33 0.36 -11.89
N ALA B 281 1.98 0.89 -13.07
CA ALA B 281 0.75 0.46 -13.74
C ALA B 281 0.83 -1.02 -14.09
N ALA B 282 1.99 -1.50 -14.51
CA ALA B 282 2.15 -2.92 -14.82
C ALA B 282 2.08 -3.77 -13.56
N LEU B 283 2.65 -3.29 -12.45
CA LEU B 283 2.54 -4.00 -11.19
C LEU B 283 1.09 -4.10 -10.73
N ALA B 284 0.33 -3.02 -10.91
CA ALA B 284 -1.07 -3.03 -10.49
C ALA B 284 -1.85 -4.09 -11.25
N LEU B 285 -1.67 -4.14 -12.57
CA LEU B 285 -2.36 -5.10 -13.41
C LEU B 285 -1.97 -6.53 -13.07
N GLY B 286 -0.68 -6.77 -12.84
CA GLY B 286 -0.23 -8.13 -12.54
C GLY B 286 -0.71 -8.62 -11.19
N HIS B 287 -0.77 -7.71 -10.21
CA HIS B 287 -1.29 -8.08 -8.89
C HIS B 287 -2.75 -8.48 -8.99
N ALA B 288 -3.55 -7.68 -9.70
CA ALA B 288 -4.98 -7.93 -9.77
C ALA B 288 -5.29 -9.31 -10.33
N VAL B 289 -4.40 -9.86 -11.15
CA VAL B 289 -4.55 -11.20 -11.67
C VAL B 289 -3.68 -12.21 -10.91
N GLY B 290 -3.18 -11.82 -9.74
CA GLY B 290 -2.55 -12.76 -8.84
C GLY B 290 -1.13 -13.14 -9.18
N LEU B 291 -0.42 -12.34 -9.95
CA LEU B 291 0.99 -12.61 -10.17
C LEU B 291 1.77 -12.32 -8.89
N PRO B 292 2.65 -13.23 -8.47
CA PRO B 292 3.42 -12.97 -7.25
C PRO B 292 4.39 -11.82 -7.44
N PHE B 293 4.71 -11.15 -6.34
CA PHE B 293 5.56 -9.96 -6.44
C PHE B 293 6.98 -10.33 -6.84
N ASP B 294 7.50 -11.44 -6.36
CA ASP B 294 8.87 -11.81 -6.70
C ASP B 294 9.01 -12.03 -8.21
N ALA B 295 8.04 -12.70 -8.84
CA ALA B 295 8.10 -12.87 -10.30
C ALA B 295 8.00 -11.54 -11.02
N MET B 296 7.09 -10.67 -10.57
CA MET B 296 6.94 -9.36 -11.20
C MET B 296 8.19 -8.49 -11.04
N LEU B 297 8.78 -8.48 -9.83
CA LEU B 297 9.94 -7.62 -9.63
C LEU B 297 11.15 -8.12 -10.41
N GLY B 298 11.33 -9.45 -10.47
CA GLY B 298 12.41 -9.99 -11.26
C GLY B 298 12.26 -9.63 -12.73
N ALA B 299 11.04 -9.80 -13.26
CA ALA B 299 10.79 -9.39 -14.65
C ALA B 299 11.06 -7.90 -14.82
N LEU B 300 10.67 -7.10 -13.83
CA LEU B 300 10.90 -5.65 -13.87
C LEU B 300 12.38 -5.30 -13.84
N LYS B 301 13.21 -6.08 -13.14
CA LYS B 301 14.63 -5.75 -13.09
C LYS B 301 15.32 -6.09 -14.41
N ALA B 302 14.82 -7.09 -15.12
CA ALA B 302 15.43 -7.56 -16.35
C ALA B 302 14.97 -6.79 -17.58
N PHE B 303 13.88 -6.01 -17.47
CA PHE B 303 13.31 -5.29 -18.60
C PHE B 303 14.21 -4.10 -18.96
N SER B 304 14.83 -4.17 -20.13
CA SER B 304 15.72 -3.12 -20.59
C SER B 304 15.01 -2.00 -21.33
N GLY B 305 13.72 -2.15 -21.62
CA GLY B 305 12.98 -1.19 -22.39
C GLY B 305 12.63 -1.73 -23.77
N LEU B 306 11.89 -0.93 -24.52
CA LEU B 306 11.55 -1.27 -25.88
C LEU B 306 12.73 -1.02 -26.81
N ALA B 307 12.77 -1.77 -27.91
CA ALA B 307 13.87 -1.71 -28.86
C ALA B 307 14.21 -0.28 -29.28
N HIS B 308 15.43 0.16 -28.93
CA HIS B 308 16.02 1.42 -29.37
C HIS B 308 15.28 2.64 -28.83
N ARG B 309 14.44 2.46 -27.82
CA ARG B 309 13.72 3.55 -27.16
C ARG B 309 14.37 3.77 -25.80
N CYS B 310 15.42 4.58 -25.78
CA CYS B 310 16.23 4.81 -24.58
C CYS B 310 16.51 3.51 -23.84
N GLN B 311 16.99 2.52 -24.59
CA GLN B 311 17.10 1.16 -24.10
C GLN B 311 18.44 0.91 -23.44
N TRP B 312 18.39 0.44 -22.20
CA TRP B 312 19.60 0.10 -21.47
C TRP B 312 20.36 -1.03 -22.20
N VAL B 313 21.67 -0.85 -22.38
CA VAL B 313 22.51 -1.79 -23.10
C VAL B 313 23.46 -2.51 -22.17
N ARG B 314 24.17 -1.75 -21.33
CA ARG B 314 25.19 -2.31 -20.44
C ARG B 314 25.52 -1.27 -19.38
N GLU B 315 25.98 -1.74 -18.23
CA GLU B 315 26.65 -0.90 -17.25
C GLU B 315 28.10 -1.34 -17.11
N ARG B 316 29.02 -0.41 -17.33
CA ARG B 316 30.46 -0.68 -17.33
C ARG B 316 31.14 0.38 -16.48
N GLN B 317 31.77 -0.05 -15.40
CA GLN B 317 32.49 0.83 -14.49
C GLN B 317 31.57 1.97 -14.02
N GLY B 318 30.37 1.58 -13.60
CA GLY B 318 29.42 2.55 -13.09
C GLY B 318 28.86 3.50 -14.12
N VAL B 319 29.05 3.24 -15.40
CA VAL B 319 28.47 4.04 -16.47
C VAL B 319 27.46 3.16 -17.20
N SER B 320 26.23 3.65 -17.33
CA SER B 320 25.18 2.94 -18.04
C SER B 320 25.04 3.47 -19.45
N TYR B 321 24.75 2.58 -20.39
CA TYR B 321 24.70 2.90 -21.81
C TYR B 321 23.28 2.74 -22.32
N TYR B 322 22.79 3.72 -23.07
CA TYR B 322 21.40 3.77 -23.47
C TYR B 322 21.32 3.96 -24.98
N ASP B 323 20.62 3.03 -25.64
CA ASP B 323 20.39 3.06 -27.07
C ASP B 323 19.06 3.77 -27.31
N ASP B 324 19.12 5.01 -27.80
CA ASP B 324 17.90 5.71 -28.14
C ASP B 324 17.94 6.08 -29.60
N SER B 325 18.28 5.10 -30.45
CA SER B 325 18.48 5.35 -31.86
C SER B 325 17.19 5.74 -32.56
N LYS B 326 16.03 5.44 -31.97
CA LYS B 326 14.78 5.86 -32.56
C LYS B 326 14.62 7.37 -32.57
N ALA B 327 15.36 8.08 -31.72
CA ALA B 327 15.28 9.54 -31.72
C ALA B 327 15.91 10.09 -33.00
N THR B 328 15.12 10.15 -34.08
CA THR B 328 15.58 10.61 -35.37
C THR B 328 15.29 12.08 -35.63
N ASN B 329 14.83 12.82 -34.63
CA ASN B 329 14.53 14.24 -34.76
C ASN B 329 14.88 14.94 -33.45
N VAL B 330 14.93 16.27 -33.51
CA VAL B 330 15.33 17.05 -32.35
C VAL B 330 14.39 16.84 -31.18
N GLY B 331 13.08 16.79 -31.45
CA GLY B 331 12.10 16.67 -30.38
C GLY B 331 12.27 15.40 -29.55
N ALA B 332 12.52 14.28 -30.22
CA ALA B 332 12.73 13.03 -29.48
C ALA B 332 14.03 13.08 -28.69
N ALA B 333 15.06 13.75 -29.22
CA ALA B 333 16.34 13.87 -28.52
C ALA B 333 16.23 14.81 -27.34
N LEU B 334 15.45 15.89 -27.49
CA LEU B 334 15.17 16.74 -26.32
C LEU B 334 14.54 15.93 -25.20
N ALA B 335 13.63 15.02 -25.54
CA ALA B 335 12.97 14.22 -24.52
C ALA B 335 13.97 13.34 -23.76
N ALA B 336 14.86 12.66 -24.48
CA ALA B 336 15.77 11.76 -23.78
C ALA B 336 16.84 12.53 -23.02
N ILE B 337 17.32 13.63 -23.59
CA ILE B 337 18.28 14.45 -22.86
C ILE B 337 17.66 15.03 -21.60
N GLU B 338 16.46 15.60 -21.72
CA GLU B 338 15.82 16.19 -20.55
C GLU B 338 15.35 15.10 -19.60
N GLY B 339 14.86 13.99 -20.13
CA GLY B 339 14.36 12.92 -19.29
C GLY B 339 15.46 12.20 -18.54
N LEU B 340 16.43 11.68 -19.27
CA LEU B 340 17.50 10.93 -18.63
C LEU B 340 18.37 11.85 -17.80
N GLY B 341 18.60 13.08 -18.26
CA GLY B 341 19.45 13.99 -17.51
C GLY B 341 18.89 14.34 -16.15
N ALA B 342 17.59 14.61 -16.06
CA ALA B 342 16.98 14.96 -14.79
C ALA B 342 16.87 13.75 -13.86
N ASP B 343 16.89 12.54 -14.39
CA ASP B 343 16.70 11.37 -13.55
C ASP B 343 17.98 10.85 -12.90
N ILE B 344 19.11 10.85 -13.62
CA ILE B 344 20.34 10.23 -13.12
C ILE B 344 21.07 11.18 -12.17
N ASP B 345 22.02 10.64 -11.41
CA ASP B 345 22.80 11.47 -10.48
C ASP B 345 23.96 12.18 -11.18
N GLY B 346 24.57 11.56 -12.17
CA GLY B 346 25.66 12.17 -12.88
C GLY B 346 25.24 13.04 -14.05
N LYS B 347 25.98 12.96 -15.14
CA LYS B 347 25.72 13.76 -16.33
C LYS B 347 25.76 12.86 -17.55
N LEU B 348 25.39 13.43 -18.68
CA LEU B 348 25.26 12.67 -19.92
C LEU B 348 26.49 12.85 -20.78
N VAL B 349 26.85 11.80 -21.49
CA VAL B 349 27.73 11.91 -22.64
C VAL B 349 26.86 11.57 -23.85
N LEU B 350 26.54 12.58 -24.64
CA LEU B 350 25.60 12.42 -25.73
C LEU B 350 26.34 12.08 -27.02
N LEU B 351 25.79 11.12 -27.77
CA LEU B 351 26.23 10.81 -29.12
C LEU B 351 25.14 11.24 -30.07
N ALA B 352 25.48 12.10 -31.02
CA ALA B 352 24.49 12.65 -31.94
C ALA B 352 25.14 12.82 -33.29
N GLY B 353 24.32 13.02 -34.30
CA GLY B 353 24.76 13.16 -35.67
C GLY B 353 24.09 12.15 -36.58
N GLY B 354 24.30 12.36 -37.88
CA GLY B 354 23.63 11.60 -38.91
C GLY B 354 23.00 12.52 -39.92
N ASP B 355 21.94 12.07 -40.58
CA ASP B 355 21.25 12.92 -41.55
C ASP B 355 20.29 13.84 -40.80
N GLY B 356 20.60 15.13 -40.75
CA GLY B 356 19.80 16.04 -39.96
C GLY B 356 18.58 16.63 -40.62
N LYS B 357 18.44 16.46 -41.94
CA LYS B 357 17.29 16.94 -42.69
C LYS B 357 17.09 18.44 -42.57
N GLY B 358 18.15 19.19 -42.22
CA GLY B 358 18.04 20.63 -42.13
C GLY B 358 17.32 21.16 -40.90
N ALA B 359 17.18 20.36 -39.85
CA ALA B 359 16.46 20.79 -38.66
C ALA B 359 17.18 21.95 -37.98
N ASP B 360 16.41 22.70 -37.18
CA ASP B 360 16.96 23.78 -36.35
C ASP B 360 17.44 23.21 -35.04
N PHE B 361 18.77 23.09 -34.88
CA PHE B 361 19.36 22.48 -33.71
C PHE B 361 19.48 23.42 -32.51
N HIS B 362 19.08 24.68 -32.64
CA HIS B 362 19.25 25.64 -31.55
C HIS B 362 18.64 25.15 -30.25
N ASP B 363 17.50 24.46 -30.32
CA ASP B 363 16.85 24.04 -29.09
C ASP B 363 17.64 23.00 -28.30
N LEU B 364 18.77 22.53 -28.81
CA LEU B 364 19.59 21.56 -28.09
C LEU B 364 20.66 22.22 -27.24
N ARG B 365 20.94 23.50 -27.46
CA ARG B 365 22.04 24.13 -26.74
C ARG B 365 21.81 24.12 -25.23
N GLU B 366 20.67 24.67 -24.79
CA GLU B 366 20.43 24.76 -23.34
C GLU B 366 20.32 23.39 -22.68
N PRO B 367 19.56 22.42 -23.19
CA PRO B 367 19.57 21.09 -22.54
C PRO B 367 20.95 20.45 -22.50
N VAL B 368 21.76 20.61 -23.56
CA VAL B 368 23.10 20.05 -23.56
C VAL B 368 23.97 20.75 -22.52
N ALA B 369 23.85 22.07 -22.41
CA ALA B 369 24.62 22.79 -21.41
C ALA B 369 24.24 22.39 -20.00
N ARG B 370 22.98 22.03 -19.78
CA ARG B 370 22.56 21.72 -18.43
C ARG B 370 22.86 20.29 -18.02
N PHE B 371 22.81 19.34 -18.97
CA PHE B 371 22.88 17.92 -18.62
C PHE B 371 24.10 17.17 -19.15
N CYS B 372 24.84 17.69 -20.13
CA CYS B 372 25.91 16.93 -20.75
C CYS B 372 27.26 17.30 -20.17
N ARG B 373 28.07 16.29 -19.86
CA ARG B 373 29.48 16.52 -19.58
C ARG B 373 30.26 16.66 -20.87
N ALA B 374 29.84 15.98 -21.93
CA ALA B 374 30.44 16.10 -23.24
C ALA B 374 29.46 15.59 -24.30
N VAL B 375 29.71 16.00 -25.54
CA VAL B 375 28.92 15.55 -26.68
C VAL B 375 29.90 14.96 -27.69
N VAL B 376 29.58 13.77 -28.20
CA VAL B 376 30.34 13.14 -29.27
C VAL B 376 29.47 13.19 -30.53
N LEU B 377 30.04 13.72 -31.61
CA LEU B 377 29.30 13.96 -32.85
C LEU B 377 29.93 13.16 -33.98
N LEU B 378 29.09 12.52 -34.78
CA LEU B 378 29.58 11.76 -35.93
C LEU B 378 28.66 11.99 -37.11
N GLY B 379 29.01 11.38 -38.25
CA GLY B 379 28.15 11.37 -39.41
C GLY B 379 28.10 12.72 -40.10
N ARG B 380 27.40 12.75 -41.23
CA ARG B 380 27.23 14.00 -41.94
C ARG B 380 26.46 14.95 -41.03
N ASP B 381 26.56 16.25 -41.31
CA ASP B 381 25.92 17.30 -40.52
C ASP B 381 26.39 17.33 -39.06
N ALA B 382 27.49 16.65 -38.72
CA ALA B 382 28.06 16.78 -37.39
C ALA B 382 28.61 18.18 -37.18
N GLY B 383 29.19 18.78 -38.23
CA GLY B 383 29.62 20.15 -38.17
C GLY B 383 28.48 21.13 -37.93
N LEU B 384 27.29 20.82 -38.44
CA LEU B 384 26.14 21.71 -38.22
C LEU B 384 25.72 21.71 -36.75
N ILE B 385 25.64 20.52 -36.14
CA ILE B 385 25.25 20.45 -34.73
C ILE B 385 26.25 21.19 -33.86
N ALA B 386 27.55 21.06 -34.17
CA ALA B 386 28.57 21.72 -33.39
C ALA B 386 28.33 23.22 -33.33
N GLN B 387 28.11 23.86 -34.48
CA GLN B 387 27.89 25.29 -34.49
C GLN B 387 26.64 25.66 -33.70
N ALA B 388 25.66 24.76 -33.66
CA ALA B 388 24.45 25.01 -32.88
C ALA B 388 24.68 24.80 -31.39
N LEU B 389 25.52 23.83 -31.01
CA LEU B 389 25.80 23.60 -29.61
C LEU B 389 26.73 24.65 -29.02
N GLY B 390 27.49 25.34 -29.86
CA GLY B 390 28.43 26.33 -29.36
C GLY B 390 29.76 25.72 -28.94
N ASN B 391 30.56 26.56 -28.28
CA ASN B 391 31.91 26.16 -27.92
C ASN B 391 32.13 26.15 -26.41
N ALA B 392 31.10 25.85 -25.64
CA ALA B 392 31.20 25.89 -24.18
C ALA B 392 30.86 24.56 -23.52
N VAL B 393 30.53 23.54 -24.29
CA VAL B 393 30.42 22.17 -23.81
C VAL B 393 31.49 21.35 -24.54
N PRO B 394 32.25 20.49 -23.85
CA PRO B 394 33.30 19.75 -24.55
C PRO B 394 32.73 18.89 -25.69
N LEU B 395 33.28 19.11 -26.88
CA LEU B 395 32.85 18.46 -28.11
C LEU B 395 34.00 17.67 -28.71
N VAL B 396 33.65 16.56 -29.36
CA VAL B 396 34.60 15.82 -30.18
C VAL B 396 33.85 15.23 -31.37
N ARG B 397 34.48 15.29 -32.53
CA ARG B 397 33.89 14.78 -33.76
C ARG B 397 34.65 13.53 -34.19
N VAL B 398 33.91 12.44 -34.45
CA VAL B 398 34.54 11.21 -34.90
C VAL B 398 33.99 10.82 -36.25
N ALA B 399 34.55 9.75 -36.83
CA ALA B 399 34.17 9.29 -38.16
C ALA B 399 33.38 8.00 -38.16
N THR B 400 33.51 7.18 -37.12
CA THR B 400 32.85 5.89 -37.04
C THR B 400 32.11 5.78 -35.72
N LEU B 401 31.20 4.81 -35.65
CA LEU B 401 30.42 4.60 -34.43
C LEU B 401 31.28 3.98 -33.34
N ASP B 402 32.20 3.08 -33.70
CA ASP B 402 33.05 2.48 -32.68
C ASP B 402 33.97 3.53 -32.06
N GLU B 403 34.48 4.46 -32.87
CA GLU B 403 35.24 5.58 -32.33
C GLU B 403 34.37 6.44 -31.41
N ALA B 404 33.11 6.64 -31.78
CA ALA B 404 32.21 7.44 -30.94
C ALA B 404 31.99 6.78 -29.58
N VAL B 405 31.77 5.47 -29.57
CA VAL B 405 31.55 4.75 -28.32
C VAL B 405 32.80 4.79 -27.45
N ARG B 406 33.97 4.49 -28.04
CA ARG B 406 35.20 4.43 -27.25
C ARG B 406 35.57 5.81 -26.70
N GLN B 407 35.37 6.86 -27.50
CA GLN B 407 35.61 8.21 -27.00
C GLN B 407 34.62 8.57 -25.89
N ALA B 408 33.37 8.10 -25.99
CA ALA B 408 32.41 8.32 -24.91
C ALA B 408 32.86 7.65 -23.61
N ALA B 409 33.41 6.44 -23.70
CA ALA B 409 33.84 5.74 -22.49
C ALA B 409 35.02 6.44 -21.83
N GLU B 410 35.88 7.13 -22.60
CA GLU B 410 36.95 7.92 -22.01
C GLU B 410 36.47 9.23 -21.38
N LEU B 411 35.24 9.65 -21.65
CA LEU B 411 34.73 10.88 -21.06
C LEU B 411 33.78 10.62 -19.89
N ALA B 412 33.05 9.52 -19.91
CA ALA B 412 32.10 9.23 -18.85
C ALA B 412 32.81 8.89 -17.55
N ARG B 413 32.39 9.55 -16.48
CA ARG B 413 32.82 9.22 -15.13
C ARG B 413 31.77 8.35 -14.46
N GLU B 414 32.14 7.75 -13.33
CA GLU B 414 31.24 6.88 -12.61
C GLU B 414 29.94 7.61 -12.31
N GLY B 415 28.81 6.92 -12.54
CA GLY B 415 27.50 7.49 -12.34
C GLY B 415 26.92 8.26 -13.51
N ASP B 416 27.68 8.44 -14.58
CA ASP B 416 27.20 9.15 -15.76
C ASP B 416 26.38 8.20 -16.63
N ALA B 417 25.89 8.72 -17.75
CA ALA B 417 25.12 7.94 -18.70
C ALA B 417 25.59 8.28 -20.10
N VAL B 418 25.82 7.26 -20.91
CA VAL B 418 26.16 7.44 -22.32
C VAL B 418 24.87 7.23 -23.11
N LEU B 419 24.44 8.27 -23.83
CA LEU B 419 23.12 8.29 -24.47
C LEU B 419 23.31 8.47 -25.96
N LEU B 420 22.96 7.44 -26.73
CA LEU B 420 22.87 7.57 -28.18
C LEU B 420 21.45 8.04 -28.50
N SER B 421 21.27 9.36 -28.64
CA SER B 421 19.98 9.94 -29.00
C SER B 421 20.26 10.92 -30.13
N PRO B 422 20.52 10.41 -31.35
CA PRO B 422 21.25 11.20 -32.35
C PRO B 422 20.51 12.41 -32.89
N ALA B 423 19.17 12.47 -32.76
CA ALA B 423 18.34 13.56 -33.30
C ALA B 423 18.40 13.66 -34.81
N CYS B 424 18.86 12.61 -35.50
CA CYS B 424 19.03 12.63 -36.95
C CYS B 424 18.68 11.27 -37.52
N ALA B 425 18.37 11.24 -38.81
CA ALA B 425 18.21 9.97 -39.49
C ALA B 425 19.57 9.28 -39.63
N SER B 426 19.54 7.97 -39.83
CA SER B 426 20.75 7.17 -39.86
C SER B 426 21.21 6.84 -41.26
N LEU B 427 20.49 7.28 -42.29
CA LEU B 427 20.67 6.80 -43.65
C LEU B 427 21.95 7.31 -44.31
N ASP B 428 22.71 8.20 -43.66
CA ASP B 428 23.99 8.62 -44.21
C ASP B 428 25.07 7.57 -43.99
N MET B 429 24.92 6.74 -42.94
CA MET B 429 25.91 5.72 -42.62
C MET B 429 25.34 4.32 -42.36
N PHE B 430 24.03 4.19 -42.13
CA PHE B 430 23.41 2.91 -41.76
C PHE B 430 22.24 2.59 -42.66
N LYS B 431 21.70 1.37 -42.48
CA LYS B 431 20.54 0.92 -43.25
C LYS B 431 19.26 1.57 -42.74
N ASN B 432 18.96 1.40 -41.45
CA ASN B 432 17.84 2.06 -40.80
C ASN B 432 18.28 2.50 -39.42
N PHE B 433 17.40 3.22 -38.71
CA PHE B 433 17.76 3.63 -37.36
C PHE B 433 17.97 2.43 -36.44
N GLU B 434 17.40 1.27 -36.80
CA GLU B 434 17.49 0.09 -35.96
C GLU B 434 18.86 -0.58 -36.07
N GLU B 435 19.46 -0.60 -37.27
CA GLU B 435 20.82 -1.09 -37.39
C GLU B 435 21.81 -0.20 -36.65
N ARG B 436 21.53 1.10 -36.60
CA ARG B 436 22.38 2.01 -35.84
C ARG B 436 22.36 1.67 -34.35
N GLY B 437 21.18 1.32 -33.82
CA GLY B 437 21.11 0.88 -32.44
C GLY B 437 21.76 -0.49 -32.22
N ARG B 438 21.59 -1.40 -33.17
CA ARG B 438 22.20 -2.72 -33.03
C ARG B 438 23.72 -2.66 -33.06
N LEU B 439 24.29 -1.81 -33.92
CA LEU B 439 25.75 -1.66 -33.96
C LEU B 439 26.27 -0.83 -32.80
N PHE B 440 25.47 0.12 -32.30
CA PHE B 440 25.85 0.82 -31.08
C PHE B 440 25.93 -0.16 -29.91
N ALA B 441 24.96 -1.06 -29.80
CA ALA B 441 25.01 -2.07 -28.74
C ALA B 441 26.22 -2.98 -28.89
N LYS B 442 26.55 -3.35 -30.12
CA LYS B 442 27.72 -4.22 -30.34
C LYS B 442 28.99 -3.53 -29.87
N ALA B 443 29.18 -2.25 -30.25
CA ALA B 443 30.37 -1.52 -29.82
C ALA B 443 30.42 -1.38 -28.30
N VAL B 444 29.27 -1.18 -27.66
CA VAL B 444 29.25 -1.07 -26.20
C VAL B 444 29.60 -2.40 -25.56
N GLU B 445 29.04 -3.50 -26.06
CA GLU B 445 29.32 -4.81 -25.48
C GLU B 445 30.76 -5.26 -25.68
N GLU B 446 31.55 -4.53 -26.46
CA GLU B 446 32.92 -4.91 -26.78
C GLU B 446 33.96 -4.07 -26.04
N LEU B 447 33.56 -3.09 -25.24
CA LEU B 447 34.51 -2.35 -24.44
C LEU B 447 35.16 -3.25 -23.39
N ALA B 448 36.45 -3.03 -23.15
CA ALA B 448 37.21 -3.83 -22.19
C ALA B 448 36.66 -3.66 -20.77
C ACT C . -12.08 -12.91 10.89
O ACT C . -11.38 -13.11 11.95
OXT ACT C . -11.97 -13.45 9.75
CH3 ACT C . -13.25 -11.85 11.00
C FMT D . -14.31 10.25 36.45
O1 FMT D . -13.45 10.35 37.32
O2 FMT D . -15.53 10.14 36.65
C FMT E . 15.66 5.89 -40.34
O1 FMT E . 16.48 6.77 -40.09
O2 FMT E . 15.87 4.69 -40.21
#